data_9BVM
#
_entry.id   9BVM
#
_cell.length_a   1.00
_cell.length_b   1.00
_cell.length_c   1.00
_cell.angle_alpha   90.00
_cell.angle_beta   90.00
_cell.angle_gamma   90.00
#
_symmetry.space_group_name_H-M   'P 1'
#
loop_
_entity.id
_entity.type
_entity.pdbx_description
1 polymer 'Vitamin K-dependent gamma-carboxylase'
2 polymer 'Activation peptide'
3 branched 2-acetamido-2-deoxy-beta-D-glucopyranose-(1-4)-2-acetamido-2-deoxy-beta-D-glucopyranose
4 non-polymer 'vitamin K1 hydroquinone'
5 non-polymer '(4S,7R)-4-HYDROXY-N,N,N-TRIMETHYL-9-OXO-7-[(PALMITOYLOXY)METHYL]-3,5,8-TRIOXA-4-PHOSPHAHEXACOSAN-1-AMINIUM 4-OXIDE'
6 non-polymer 2-acetamido-2-deoxy-beta-D-glucopyranose
#
loop_
_entity_poly.entity_id
_entity_poly.type
_entity_poly.pdbx_seq_one_letter_code
_entity_poly.pdbx_strand_id
1 'polypeptide(L)'
;GPRQDSRIGKLLGFEWTDLSSWRRLVTLLNRPTDPASLAVFRFLFGFLMVLDIPQERGLSSLDRKYLDGLDVCRFPLLDA
LRPLPLDWMYLVYTIMFLGALGMMLGLCYRISCVLFLLPYWYVFLLDKTSWNNHSYLYGLLAFQLTFMDANHYWSVDGLL
NAHRRNAHVPLWNYAVLRGQIFIVYFIAGVKKLDADWVEGYSMEYLSRHWLFSPFKLLLSEELTSLLVVHWGGLLLDLSA
GFLLFFDVSRSIGLFFVSYFHCMNSQLFSIGMFSYVMLASSPLFCSPEWPRKLVSYCPRRLQQLLPLKAAPQPSVSCVYK
RSRGKSGQKPGLRHQLGAAFTLLYLLEQLFLPYSHFLTQGYNNWTNGLYGYSWDMMVHSRSHQHVKITYRDGRTGELGYL
NPGVFTQSRRWKDHADMLKQYATCLSRLLPKYNVTEPQIYFDIWVSINDRFQQRIFDPRVDIVQAAWSPFQRTSWVQPLL
MDLSPWRAKLQEIKSSLDNHTEVVFIADFPGLHLENFVSEDLGNTSIQLLQGEVTVELVAEQKNQTLREGEKMQLPAGEY
HKVYTTSPSPSCYMYVYVNTTELALEQDLAYLQELKEKVENGSETGPLPPELQPLLEGEVKGGPEPTPLVQTFLRRQQRL
QEIERRRNTPFHERFFRFLLRKLYVFRRSFLMTCISLRNLILGRPSLEQLAQEVTYANLRPFEAVGELNPSNTDSSHSNP
PESNPDPVHSEF
;
A
2 'polypeptide(L)' TPAPLDSVFSSSERAHQVLRIRKRANSFLEELRHSSLERECIEEICDFEEAKEIFQNVDDTLAFWSKHVD P
#
# COMPACT_ATOMS: atom_id res chain seq x y z
N ASP A 5 -41.62 -22.62 -6.98
CA ASP A 5 -42.85 -22.27 -7.67
C ASP A 5 -43.11 -20.77 -7.59
N SER A 6 -42.97 -20.21 -6.38
CA SER A 6 -43.16 -18.78 -6.21
C SER A 6 -42.11 -18.01 -6.98
N ARG A 7 -42.48 -16.80 -7.42
CA ARG A 7 -41.52 -15.94 -8.10
C ARG A 7 -40.35 -15.61 -7.17
N ILE A 8 -40.64 -15.32 -5.91
CA ILE A 8 -39.57 -15.11 -4.93
C ILE A 8 -38.74 -16.38 -4.79
N GLY A 9 -39.39 -17.54 -4.91
CA GLY A 9 -38.66 -18.79 -4.79
C GLY A 9 -37.59 -18.94 -5.85
N LYS A 10 -37.91 -18.60 -7.09
CA LYS A 10 -36.92 -18.70 -8.15
C LYS A 10 -35.89 -17.57 -8.07
N LEU A 11 -36.34 -16.34 -7.76
CA LEU A 11 -35.42 -15.22 -7.72
C LEU A 11 -34.38 -15.40 -6.61
N LEU A 12 -34.84 -15.65 -5.39
CA LEU A 12 -33.95 -15.73 -4.24
C LEU A 12 -33.51 -17.13 -3.89
N GLY A 13 -34.24 -18.16 -4.32
CA GLY A 13 -33.89 -19.53 -4.07
C GLY A 13 -34.45 -20.12 -2.79
N PHE A 14 -35.12 -19.32 -1.95
CA PHE A 14 -35.69 -19.82 -0.70
C PHE A 14 -37.01 -19.12 -0.44
N GLU A 15 -37.92 -19.84 0.21
CA GLU A 15 -39.26 -19.35 0.49
C GLU A 15 -39.33 -18.72 1.88
N TRP A 16 -40.35 -17.88 2.07
CA TRP A 16 -40.46 -17.12 3.32
C TRP A 16 -40.75 -18.04 4.50
N THR A 17 -41.59 -19.05 4.30
CA THR A 17 -41.94 -19.96 5.40
C THR A 17 -40.72 -20.68 5.96
N ASP A 18 -39.64 -20.78 5.20
CA ASP A 18 -38.41 -21.39 5.70
C ASP A 18 -37.82 -20.61 6.87
N LEU A 19 -38.16 -19.33 7.02
CA LEU A 19 -37.64 -18.50 8.08
C LEU A 19 -38.57 -18.42 9.28
N SER A 20 -39.63 -19.23 9.32
CA SER A 20 -40.56 -19.16 10.44
C SER A 20 -39.93 -19.64 11.73
N SER A 21 -39.14 -20.71 11.68
CA SER A 21 -38.62 -21.39 12.86
C SER A 21 -37.13 -21.65 12.71
N TRP A 22 -36.50 -21.92 13.85
CA TRP A 22 -35.06 -22.23 13.86
C TRP A 22 -34.78 -23.53 13.12
N ARG A 23 -35.66 -24.53 13.28
CA ARG A 23 -35.46 -25.80 12.61
C ARG A 23 -35.49 -25.64 11.09
N ARG A 24 -36.45 -24.88 10.57
CA ARG A 24 -36.53 -24.67 9.13
C ARG A 24 -35.35 -23.87 8.62
N LEU A 25 -34.89 -22.88 9.39
CA LEU A 25 -33.72 -22.12 9.00
C LEU A 25 -32.48 -23.00 8.94
N VAL A 26 -32.31 -23.88 9.92
CA VAL A 26 -31.15 -24.78 9.93
C VAL A 26 -31.24 -25.73 8.74
N THR A 27 -32.42 -26.25 8.46
CA THR A 27 -32.59 -27.14 7.32
C THR A 27 -32.26 -26.43 6.00
N LEU A 28 -32.70 -25.18 5.87
CA LEU A 28 -32.39 -24.42 4.66
C LEU A 28 -30.89 -24.17 4.54
N LEU A 29 -30.23 -23.83 5.64
CA LEU A 29 -28.80 -23.53 5.61
C LEU A 29 -27.93 -24.78 5.54
N ASN A 30 -28.51 -25.98 5.70
CA ASN A 30 -27.77 -27.24 5.60
C ASN A 30 -28.34 -28.15 4.52
N ARG A 31 -29.00 -27.60 3.51
CA ARG A 31 -29.53 -28.43 2.44
C ARG A 31 -28.40 -28.88 1.51
N PRO A 32 -28.59 -29.97 0.77
CA PRO A 32 -27.51 -30.45 -0.11
C PRO A 32 -27.18 -29.45 -1.21
N THR A 33 -25.91 -29.44 -1.61
CA THR A 33 -25.44 -28.61 -2.72
C THR A 33 -24.21 -29.27 -3.31
N ASP A 34 -23.97 -29.01 -4.60
CA ASP A 34 -22.86 -29.66 -5.28
C ASP A 34 -21.53 -29.03 -4.85
N PRO A 35 -20.43 -29.79 -4.82
CA PRO A 35 -19.16 -29.26 -4.29
C PRO A 35 -18.20 -28.68 -5.32
N ALA A 36 -18.55 -28.63 -6.61
CA ALA A 36 -17.54 -28.42 -7.64
C ALA A 36 -16.96 -27.01 -7.61
N SER A 37 -17.82 -25.99 -7.57
CA SER A 37 -17.35 -24.61 -7.63
C SER A 37 -16.48 -24.27 -6.43
N LEU A 38 -16.86 -24.75 -5.25
CA LEU A 38 -16.07 -24.52 -4.06
C LEU A 38 -14.69 -25.16 -4.19
N ALA A 39 -14.63 -26.35 -4.78
CA ALA A 39 -13.33 -27.00 -4.98
C ALA A 39 -12.44 -26.19 -5.92
N VAL A 40 -13.01 -25.69 -7.02
CA VAL A 40 -12.22 -24.89 -7.94
C VAL A 40 -11.71 -23.63 -7.26
N PHE A 41 -12.57 -22.97 -6.47
CA PHE A 41 -12.14 -21.76 -5.78
C PHE A 41 -11.05 -22.07 -4.76
N ARG A 42 -11.17 -23.20 -4.06
CA ARG A 42 -10.12 -23.61 -3.13
C ARG A 42 -8.80 -23.79 -3.85
N PHE A 43 -8.82 -24.46 -5.00
CA PHE A 43 -7.59 -24.69 -5.75
C PHE A 43 -6.96 -23.38 -6.18
N LEU A 44 -7.76 -22.48 -6.73
CA LEU A 44 -7.21 -21.20 -7.20
C LEU A 44 -6.67 -20.36 -6.04
N PHE A 45 -7.39 -20.33 -4.92
CA PHE A 45 -6.93 -19.54 -3.78
C PHE A 45 -5.62 -20.09 -3.23
N GLY A 46 -5.54 -21.42 -3.08
CA GLY A 46 -4.29 -22.01 -2.60
C GLY A 46 -3.13 -21.73 -3.52
N PHE A 47 -3.34 -21.90 -4.83
CA PHE A 47 -2.26 -21.66 -5.79
C PHE A 47 -1.80 -20.21 -5.75
N LEU A 48 -2.75 -19.27 -5.71
CA LEU A 48 -2.38 -17.86 -5.70
C LEU A 48 -1.62 -17.50 -4.43
N MET A 49 -2.05 -18.01 -3.27
CA MET A 49 -1.31 -17.72 -2.05
C MET A 49 0.08 -18.37 -2.06
N VAL A 50 0.20 -19.55 -2.68
CA VAL A 50 1.50 -20.18 -2.84
C VAL A 50 2.42 -19.29 -3.65
N LEU A 51 1.90 -18.71 -4.74
CA LEU A 51 2.72 -17.78 -5.52
C LEU A 51 3.00 -16.50 -4.75
N ASP A 52 2.10 -16.12 -3.83
CA ASP A 52 2.20 -14.82 -3.17
C ASP A 52 3.12 -14.82 -1.97
N ILE A 53 3.36 -15.98 -1.33
CA ILE A 53 4.19 -16.01 -0.13
C ILE A 53 5.61 -15.52 -0.40
N PRO A 54 6.29 -15.94 -1.48
CA PRO A 54 7.64 -15.43 -1.72
C PRO A 54 7.73 -14.02 -2.30
N GLN A 55 6.61 -13.35 -2.56
CA GLN A 55 6.60 -12.06 -3.24
C GLN A 55 6.16 -10.92 -2.32
N GLU A 56 4.97 -11.02 -1.73
CA GLU A 56 4.42 -9.92 -0.93
C GLU A 56 4.59 -10.12 0.56
N ARG A 57 4.53 -11.36 1.06
CA ARG A 57 4.76 -11.58 2.48
C ARG A 57 6.19 -11.21 2.88
N GLY A 58 7.13 -11.36 1.97
CA GLY A 58 8.49 -10.91 2.17
C GLY A 58 9.49 -11.99 2.50
N LEU A 59 9.28 -13.22 2.03
CA LEU A 59 10.23 -14.28 2.35
C LEU A 59 11.55 -14.08 1.63
N SER A 60 11.53 -13.44 0.46
CA SER A 60 12.78 -13.13 -0.24
C SER A 60 13.58 -12.09 0.51
N SER A 61 12.90 -11.10 1.10
CA SER A 61 13.54 -9.99 1.80
C SER A 61 13.60 -10.21 3.30
N LEU A 62 13.23 -11.39 3.79
CA LEU A 62 13.16 -11.62 5.23
C LEU A 62 14.52 -11.56 5.90
N ASP A 63 15.61 -11.72 5.16
CA ASP A 63 16.94 -11.71 5.76
C ASP A 63 17.47 -10.30 6.02
N ARG A 64 16.83 -9.27 5.46
CA ARG A 64 17.20 -7.88 5.68
C ARG A 64 16.10 -7.09 6.37
N LYS A 65 15.08 -7.76 6.90
CA LYS A 65 14.00 -7.15 7.67
C LYS A 65 14.05 -7.53 9.13
N TYR A 66 14.32 -8.80 9.44
CA TYR A 66 14.45 -9.30 10.80
C TYR A 66 15.89 -9.72 11.11
N LEU A 67 16.86 -8.99 10.55
CA LEU A 67 18.26 -9.34 10.75
C LEU A 67 18.61 -9.27 12.24
N ASP A 68 19.35 -10.28 12.69
CA ASP A 68 19.71 -10.36 14.09
C ASP A 68 20.77 -9.31 14.44
N GLY A 69 20.66 -8.74 15.63
CA GLY A 69 21.59 -7.74 16.11
C GLY A 69 21.26 -6.33 15.70
N LEU A 70 20.39 -6.13 14.72
CA LEU A 70 20.00 -4.80 14.29
C LEU A 70 18.89 -4.28 15.19
N ASP A 71 19.01 -3.01 15.57
CA ASP A 71 18.02 -2.33 16.41
C ASP A 71 17.11 -1.50 15.51
N VAL A 72 15.84 -1.91 15.44
CA VAL A 72 14.82 -1.22 14.66
C VAL A 72 13.59 -1.10 15.52
N CYS A 73 12.75 -0.11 15.21
CA CYS A 73 11.52 0.14 15.94
C CYS A 73 10.37 -0.60 15.26
N ARG A 74 9.75 -1.52 16.00
CA ARG A 74 8.64 -2.31 15.49
C ARG A 74 7.33 -1.63 15.83
N PHE A 75 6.29 -1.96 15.06
CA PHE A 75 4.94 -1.43 15.24
C PHE A 75 3.93 -2.57 15.27
N PRO A 76 3.89 -3.35 16.35
CA PRO A 76 2.90 -4.42 16.46
C PRO A 76 1.60 -3.92 17.07
N LEU A 77 0.53 -4.65 16.77
CA LEU A 77 -0.78 -4.27 17.31
C LEU A 77 -0.77 -4.35 18.84
N LEU A 78 -0.18 -5.42 19.38
CA LEU A 78 0.03 -5.56 20.81
C LEU A 78 1.51 -5.45 21.12
N ASP A 79 1.83 -4.69 22.16
CA ASP A 79 3.23 -4.56 22.56
C ASP A 79 3.82 -5.88 23.02
N ALA A 80 2.99 -6.85 23.40
CA ALA A 80 3.50 -8.14 23.87
C ALA A 80 4.18 -8.90 22.74
N LEU A 81 3.64 -8.82 21.52
CA LEU A 81 4.21 -9.54 20.39
C LEU A 81 5.62 -9.04 20.11
N ARG A 82 6.54 -9.99 19.89
CA ARG A 82 7.93 -9.71 19.57
C ARG A 82 8.35 -10.67 18.47
N PRO A 83 9.10 -10.24 17.45
CA PRO A 83 9.56 -11.20 16.44
C PRO A 83 10.51 -12.23 17.03
N LEU A 84 10.47 -13.42 16.44
CA LEU A 84 11.42 -14.47 16.79
C LEU A 84 12.71 -14.24 16.00
N PRO A 85 13.76 -15.01 16.27
CA PRO A 85 14.96 -14.94 15.42
C PRO A 85 14.64 -15.31 13.98
N LEU A 86 15.62 -15.05 13.11
CA LEU A 86 15.38 -15.14 11.68
C LEU A 86 15.09 -16.56 11.24
N ASP A 87 15.81 -17.54 11.80
CA ASP A 87 15.65 -18.92 11.38
C ASP A 87 14.27 -19.45 11.73
N TRP A 88 13.77 -19.13 12.92
CA TRP A 88 12.43 -19.56 13.28
C TRP A 88 11.37 -18.88 12.43
N MET A 89 11.63 -17.64 11.99
CA MET A 89 10.73 -16.99 11.05
C MET A 89 10.71 -17.73 9.71
N TYR A 90 11.88 -18.17 9.24
CA TYR A 90 11.92 -19.00 8.03
C TYR A 90 11.11 -20.28 8.22
N LEU A 91 11.22 -20.91 9.39
CA LEU A 91 10.43 -22.10 9.65
C LEU A 91 8.94 -21.80 9.62
N VAL A 92 8.54 -20.65 10.17
CA VAL A 92 7.14 -20.25 10.15
C VAL A 92 6.65 -20.10 8.72
N TYR A 93 7.45 -19.47 7.87
CA TYR A 93 7.05 -19.32 6.47
C TYR A 93 7.02 -20.66 5.75
N THR A 94 7.89 -21.59 6.12
CA THR A 94 7.81 -22.93 5.55
C THR A 94 6.50 -23.61 5.94
N ILE A 95 6.07 -23.44 7.19
CA ILE A 95 4.79 -23.98 7.60
C ILE A 95 3.65 -23.35 6.81
N MET A 96 3.72 -22.04 6.58
CA MET A 96 2.72 -21.37 5.73
C MET A 96 2.68 -22.01 4.35
N PHE A 97 3.85 -22.23 3.74
CA PHE A 97 3.89 -22.78 2.39
C PHE A 97 3.30 -24.19 2.36
N LEU A 98 3.61 -25.00 3.37
CA LEU A 98 3.06 -26.34 3.43
C LEU A 98 1.54 -26.31 3.55
N GLY A 99 1.04 -25.42 4.40
CA GLY A 99 -0.41 -25.29 4.54
C GLY A 99 -1.08 -24.84 3.24
N ALA A 100 -0.46 -23.90 2.54
CA ALA A 100 -1.02 -23.42 1.28
C ALA A 100 -1.05 -24.52 0.23
N LEU A 101 0.02 -25.30 0.13
CA LEU A 101 0.01 -26.43 -0.80
C LEU A 101 -1.05 -27.45 -0.42
N GLY A 102 -1.21 -27.72 0.88
CA GLY A 102 -2.25 -28.63 1.31
C GLY A 102 -3.64 -28.15 0.95
N MET A 103 -3.88 -26.85 1.10
CA MET A 103 -5.16 -26.28 0.67
C MET A 103 -5.35 -26.43 -0.83
N MET A 104 -4.29 -26.20 -1.60
CA MET A 104 -4.41 -26.32 -3.06
C MET A 104 -4.76 -27.74 -3.47
N LEU A 105 -4.05 -28.73 -2.96
CA LEU A 105 -4.23 -30.11 -3.37
C LEU A 105 -5.29 -30.85 -2.55
N GLY A 106 -5.84 -30.24 -1.51
CA GLY A 106 -6.85 -30.90 -0.71
C GLY A 106 -6.32 -32.08 0.07
N LEU A 107 -5.11 -31.97 0.61
CA LEU A 107 -4.45 -33.05 1.33
C LEU A 107 -4.36 -32.65 2.80
N CYS A 108 -5.08 -33.37 3.66
CA CYS A 108 -5.19 -33.04 5.08
C CYS A 108 -5.71 -31.62 5.25
N TYR A 109 -6.96 -31.42 4.79
CA TYR A 109 -7.43 -30.08 4.50
C TYR A 109 -7.53 -29.20 5.75
N ARG A 110 -8.11 -29.73 6.84
CA ARG A 110 -8.25 -28.93 8.04
C ARG A 110 -6.90 -28.61 8.66
N ILE A 111 -6.00 -29.59 8.72
CA ILE A 111 -4.67 -29.36 9.26
C ILE A 111 -3.93 -28.33 8.43
N SER A 112 -4.02 -28.45 7.09
CA SER A 112 -3.35 -27.49 6.22
C SER A 112 -3.93 -26.09 6.40
N CYS A 113 -5.25 -25.99 6.55
CA CYS A 113 -5.88 -24.68 6.75
C CYS A 113 -5.41 -24.04 8.04
N VAL A 114 -5.32 -24.83 9.13
CA VAL A 114 -4.84 -24.26 10.39
C VAL A 114 -3.38 -23.84 10.27
N LEU A 115 -2.55 -24.67 9.63
CA LEU A 115 -1.14 -24.35 9.46
C LEU A 115 -0.94 -23.10 8.62
N PHE A 116 -1.83 -22.83 7.68
CA PHE A 116 -1.76 -21.57 6.95
C PHE A 116 -2.31 -20.41 7.77
N LEU A 117 -3.37 -20.64 8.52
CA LEU A 117 -4.10 -19.54 9.15
C LEU A 117 -3.31 -18.93 10.30
N LEU A 118 -2.80 -19.76 11.21
CA LEU A 118 -2.21 -19.19 12.42
C LEU A 118 -0.92 -18.40 12.12
N PRO A 119 0.06 -18.95 11.38
CA PRO A 119 1.20 -18.12 10.96
C PRO A 119 0.83 -16.85 10.20
N TYR A 120 -0.15 -16.92 9.30
CA TYR A 120 -0.50 -15.74 8.52
C TYR A 120 -0.96 -14.61 9.42
N TRP A 121 -1.82 -14.92 10.38
CA TRP A 121 -2.30 -13.88 11.29
C TRP A 121 -1.21 -13.43 12.25
N TYR A 122 -0.29 -14.31 12.62
CA TYR A 122 0.86 -13.87 13.41
C TYR A 122 1.65 -12.80 12.67
N VAL A 123 1.97 -13.06 11.39
CA VAL A 123 2.69 -12.08 10.59
C VAL A 123 1.87 -10.81 10.42
N PHE A 124 0.55 -10.97 10.20
CA PHE A 124 -0.31 -9.81 9.97
C PHE A 124 -0.35 -8.90 11.19
N LEU A 125 -0.48 -9.47 12.39
CA LEU A 125 -0.53 -8.68 13.62
C LEU A 125 0.83 -8.23 14.10
N LEU A 126 1.93 -8.82 13.60
CA LEU A 126 3.24 -8.42 14.07
C LEU A 126 3.62 -7.00 13.64
N ASP A 127 3.08 -6.53 12.52
CA ASP A 127 3.47 -5.25 11.93
C ASP A 127 2.24 -4.53 11.39
N LYS A 128 2.05 -3.29 11.82
CA LYS A 128 0.96 -2.46 11.34
C LYS A 128 1.29 -1.68 10.08
N THR A 129 2.55 -1.68 9.65
CA THR A 129 2.95 -0.95 8.45
C THR A 129 2.76 -1.75 7.17
N SER A 130 2.41 -3.04 7.26
CA SER A 130 2.19 -3.90 6.11
C SER A 130 0.73 -4.29 5.95
N TRP A 131 -0.18 -3.47 6.46
CA TRP A 131 -1.61 -3.74 6.39
C TRP A 131 -2.20 -3.13 5.14
N ASN A 132 -3.00 -3.92 4.43
CA ASN A 132 -3.81 -3.43 3.33
C ASN A 132 -5.03 -4.34 3.21
N ASN A 133 -6.00 -3.89 2.44
CA ASN A 133 -7.29 -4.58 2.39
C ASN A 133 -7.16 -5.98 1.81
N HIS A 134 -6.29 -6.16 0.81
CA HIS A 134 -6.19 -7.45 0.16
C HIS A 134 -5.40 -8.47 0.96
N SER A 135 -4.76 -8.07 2.07
CA SER A 135 -4.21 -9.03 3.02
C SER A 135 -5.26 -9.43 4.05
N TYR A 136 -6.06 -8.46 4.51
CA TYR A 136 -7.18 -8.76 5.38
C TYR A 136 -8.15 -9.71 4.72
N LEU A 137 -8.39 -9.54 3.41
CA LEU A 137 -9.29 -10.44 2.70
C LEU A 137 -8.73 -11.85 2.66
N TYR A 138 -7.42 -12.00 2.44
CA TYR A 138 -6.83 -13.34 2.41
C TYR A 138 -6.96 -14.00 3.78
N GLY A 139 -6.72 -13.23 4.85
CA GLY A 139 -6.90 -13.77 6.18
C GLY A 139 -8.32 -14.23 6.45
N LEU A 140 -9.30 -13.41 6.05
CA LEU A 140 -10.69 -13.78 6.24
C LEU A 140 -11.04 -15.03 5.44
N LEU A 141 -10.59 -15.12 4.19
CA LEU A 141 -10.90 -16.29 3.38
C LEU A 141 -10.28 -17.55 3.97
N ALA A 142 -9.05 -17.45 4.46
CA ALA A 142 -8.42 -18.61 5.09
C ALA A 142 -9.18 -19.01 6.35
N PHE A 143 -9.66 -18.03 7.12
CA PHE A 143 -10.46 -18.36 8.30
C PHE A 143 -11.76 -19.06 7.92
N GLN A 144 -12.45 -18.56 6.90
CA GLN A 144 -13.71 -19.16 6.49
C GLN A 144 -13.50 -20.58 5.98
N LEU A 145 -12.52 -20.77 5.10
CA LEU A 145 -12.31 -22.07 4.47
C LEU A 145 -11.85 -23.15 5.44
N THR A 146 -11.41 -22.78 6.65
CA THR A 146 -11.03 -23.78 7.64
C THR A 146 -12.20 -24.65 8.04
N PHE A 147 -13.42 -24.10 8.02
CA PHE A 147 -14.62 -24.83 8.43
C PHE A 147 -15.41 -25.41 7.27
N MET A 148 -15.24 -24.90 6.06
CA MET A 148 -16.02 -25.36 4.94
C MET A 148 -15.54 -26.72 4.46
N ASP A 149 -16.49 -27.56 4.05
CA ASP A 149 -16.19 -28.90 3.55
C ASP A 149 -15.86 -28.79 2.07
N ALA A 150 -14.67 -28.28 1.79
CA ALA A 150 -14.22 -28.04 0.42
C ALA A 150 -13.38 -29.18 -0.15
N ASN A 151 -13.09 -30.22 0.64
CA ASN A 151 -12.26 -31.33 0.21
C ASN A 151 -13.07 -32.50 -0.33
N HIS A 152 -14.28 -32.23 -0.84
CA HIS A 152 -15.15 -33.27 -1.34
C HIS A 152 -14.98 -33.55 -2.83
N TYR A 153 -14.46 -32.59 -3.59
CA TYR A 153 -14.35 -32.69 -5.03
C TYR A 153 -12.98 -32.25 -5.48
N TRP A 154 -12.35 -33.05 -6.34
CA TRP A 154 -11.02 -32.76 -6.87
C TRP A 154 -10.03 -32.56 -5.73
N SER A 155 -9.96 -33.58 -4.87
CA SER A 155 -9.12 -33.55 -3.68
C SER A 155 -8.42 -34.89 -3.53
N VAL A 156 -7.20 -34.84 -2.98
CA VAL A 156 -6.47 -36.07 -2.74
C VAL A 156 -7.09 -36.86 -1.60
N ASP A 157 -7.70 -36.17 -0.63
CA ASP A 157 -8.41 -36.87 0.44
C ASP A 157 -9.53 -37.73 -0.11
N GLY A 158 -10.15 -37.31 -1.23
CA GLY A 158 -11.14 -38.16 -1.86
C GLY A 158 -10.55 -39.47 -2.33
N LEU A 159 -9.37 -39.42 -2.93
CA LEU A 159 -8.71 -40.64 -3.36
C LEU A 159 -8.30 -41.50 -2.18
N LEU A 160 -7.82 -40.87 -1.11
CA LEU A 160 -7.40 -41.61 0.08
C LEU A 160 -8.56 -42.01 0.98
N ASN A 161 -9.76 -41.44 0.79
CA ASN A 161 -10.91 -41.72 1.64
C ASN A 161 -12.16 -41.71 0.80
N ALA A 162 -12.85 -42.85 0.72
CA ALA A 162 -13.99 -42.99 -0.19
C ALA A 162 -15.15 -42.11 0.23
N HIS A 163 -15.39 -41.97 1.54
CA HIS A 163 -16.55 -41.24 2.03
C HIS A 163 -16.57 -39.77 1.62
N ARG A 164 -15.41 -39.18 1.34
CA ARG A 164 -15.29 -37.78 0.97
C ARG A 164 -14.98 -37.60 -0.51
N ARG A 165 -15.46 -38.51 -1.35
CA ARG A 165 -15.17 -38.53 -2.77
C ARG A 165 -16.42 -38.12 -3.53
N ASN A 166 -16.46 -36.86 -3.96
CA ASN A 166 -17.59 -36.33 -4.72
C ASN A 166 -18.89 -36.46 -3.93
N ALA A 167 -18.93 -35.79 -2.79
CA ALA A 167 -20.07 -35.81 -1.88
C ALA A 167 -20.67 -34.41 -1.79
N HIS A 168 -21.85 -34.35 -1.17
CA HIS A 168 -22.58 -33.10 -1.01
C HIS A 168 -21.94 -32.24 0.07
N VAL A 169 -22.22 -30.95 0.00
CA VAL A 169 -21.78 -29.97 1.00
C VAL A 169 -22.99 -29.13 1.41
N PRO A 170 -23.06 -28.59 2.62
CA PRO A 170 -24.20 -27.75 2.99
C PRO A 170 -24.15 -26.42 2.26
N LEU A 171 -25.29 -25.72 2.30
CA LEU A 171 -25.46 -24.52 1.48
C LEU A 171 -24.77 -23.30 2.08
N TRP A 172 -24.58 -23.23 3.41
CA TRP A 172 -23.99 -22.03 3.97
C TRP A 172 -22.51 -21.87 3.60
N ASN A 173 -21.87 -22.95 3.12
CA ASN A 173 -20.50 -22.83 2.63
C ASN A 173 -20.41 -21.83 1.48
N TYR A 174 -21.37 -21.88 0.56
CA TYR A 174 -21.43 -20.89 -0.50
C TYR A 174 -21.98 -19.56 -0.01
N ALA A 175 -22.94 -19.60 0.92
CA ALA A 175 -23.58 -18.37 1.38
C ALA A 175 -22.59 -17.44 2.05
N VAL A 176 -21.70 -17.97 2.88
CA VAL A 176 -20.75 -17.13 3.60
C VAL A 176 -19.81 -16.42 2.61
N LEU A 177 -19.29 -17.16 1.63
CA LEU A 177 -18.40 -16.57 0.65
C LEU A 177 -19.11 -15.52 -0.20
N ARG A 178 -20.34 -15.83 -0.65
CA ARG A 178 -21.10 -14.85 -1.43
C ARG A 178 -21.35 -13.59 -0.63
N GLY A 179 -21.72 -13.74 0.64
CA GLY A 179 -21.93 -12.58 1.48
C GLY A 179 -20.65 -11.78 1.69
N GLN A 180 -19.51 -12.46 1.83
CA GLN A 180 -18.25 -11.74 2.00
C GLN A 180 -17.93 -10.90 0.77
N ILE A 181 -18.10 -11.48 -0.42
CA ILE A 181 -17.78 -10.73 -1.64
C ILE A 181 -18.76 -9.57 -1.81
N PHE A 182 -20.03 -9.80 -1.52
CA PHE A 182 -21.03 -8.73 -1.59
C PHE A 182 -20.69 -7.61 -0.61
N ILE A 183 -20.26 -7.96 0.60
CA ILE A 183 -19.88 -6.95 1.57
C ILE A 183 -18.70 -6.14 1.06
N VAL A 184 -17.71 -6.82 0.47
CA VAL A 184 -16.55 -6.11 -0.06
C VAL A 184 -16.99 -5.07 -1.09
N TYR A 185 -17.77 -5.51 -2.08
CA TYR A 185 -18.19 -4.60 -3.14
C TYR A 185 -19.04 -3.45 -2.60
N PHE A 186 -20.05 -3.77 -1.79
CA PHE A 186 -21.01 -2.76 -1.35
C PHE A 186 -20.37 -1.77 -0.39
N ILE A 187 -19.59 -2.25 0.58
CA ILE A 187 -18.97 -1.33 1.52
C ILE A 187 -17.90 -0.49 0.84
N ALA A 188 -17.19 -1.06 -0.13
CA ALA A 188 -16.26 -0.25 -0.91
C ALA A 188 -17.00 0.84 -1.67
N GLY A 189 -18.15 0.50 -2.24
CA GLY A 189 -18.91 1.50 -2.97
C GLY A 189 -19.43 2.61 -2.07
N VAL A 190 -20.03 2.24 -0.93
CA VAL A 190 -20.62 3.25 -0.06
C VAL A 190 -19.53 4.10 0.60
N LYS A 191 -18.39 3.50 0.92
CA LYS A 191 -17.27 4.27 1.44
C LYS A 191 -16.76 5.29 0.42
N LYS A 192 -16.94 5.00 -0.87
CA LYS A 192 -16.53 5.91 -1.92
C LYS A 192 -17.55 7.00 -2.20
N LEU A 193 -18.63 7.09 -1.41
CA LEU A 193 -19.54 8.23 -1.46
C LEU A 193 -19.03 9.36 -0.57
N ASP A 194 -17.80 9.79 -0.88
CA ASP A 194 -17.10 10.83 -0.15
C ASP A 194 -16.92 12.04 -1.05
N ALA A 195 -16.75 13.20 -0.44
CA ALA A 195 -16.67 14.45 -1.20
C ALA A 195 -15.45 14.49 -2.10
N ASP A 196 -14.38 13.77 -1.75
CA ASP A 196 -13.16 13.78 -2.53
C ASP A 196 -13.12 12.71 -3.62
N TRP A 197 -14.11 11.81 -3.66
CA TRP A 197 -14.22 10.82 -4.72
C TRP A 197 -15.26 11.21 -5.78
N VAL A 198 -16.39 11.77 -5.36
CA VAL A 198 -17.41 12.17 -6.31
C VAL A 198 -17.02 13.42 -7.08
N GLU A 199 -16.05 14.19 -6.58
CA GLU A 199 -15.65 15.45 -7.20
C GLU A 199 -14.35 15.34 -8.00
N GLY A 200 -13.73 14.16 -8.05
CA GLY A 200 -12.61 13.93 -8.94
C GLY A 200 -11.24 14.20 -8.37
N TYR A 201 -11.09 14.28 -7.05
CA TYR A 201 -9.80 14.61 -6.47
C TYR A 201 -8.93 13.37 -6.28
N SER A 202 -9.50 12.30 -5.73
CA SER A 202 -8.74 11.06 -5.57
C SER A 202 -8.47 10.44 -6.94
N MET A 203 -7.22 10.04 -7.16
CA MET A 203 -6.80 9.46 -8.45
C MET A 203 -7.04 10.43 -9.59
N GLU A 204 -6.64 11.69 -9.41
CA GLU A 204 -6.89 12.71 -10.41
C GLU A 204 -6.01 12.55 -11.64
N TYR A 205 -4.89 11.82 -11.53
CA TYR A 205 -3.92 11.70 -12.61
C TYR A 205 -3.88 10.31 -13.23
N LEU A 206 -4.88 9.47 -12.98
CA LEU A 206 -4.89 8.11 -13.48
C LEU A 206 -5.50 7.99 -14.87
N SER A 207 -6.12 9.05 -15.39
CA SER A 207 -6.74 9.00 -16.72
C SER A 207 -5.71 9.11 -17.83
N ARG A 208 -4.44 9.35 -17.53
CA ARG A 208 -3.41 9.45 -18.55
C ARG A 208 -2.92 8.10 -19.04
N HIS A 209 -3.23 7.01 -18.34
CA HIS A 209 -2.71 5.71 -18.71
C HIS A 209 -3.28 5.26 -20.05
N TRP A 210 -2.46 4.54 -20.81
CA TRP A 210 -2.81 4.19 -22.18
C TRP A 210 -4.01 3.24 -22.26
N LEU A 211 -4.37 2.57 -21.17
CA LEU A 211 -5.57 1.74 -21.18
C LEU A 211 -6.82 2.57 -21.40
N PHE A 212 -6.80 3.84 -21.02
CA PHE A 212 -7.92 4.75 -21.23
C PHE A 212 -7.86 5.48 -22.56
N SER A 213 -6.96 5.06 -23.46
CA SER A 213 -6.85 5.72 -24.77
C SER A 213 -8.13 5.72 -25.58
N PRO A 214 -8.89 4.61 -25.72
CA PRO A 214 -10.10 4.69 -26.57
C PRO A 214 -11.13 5.69 -26.07
N PHE A 215 -11.30 5.81 -24.74
CA PHE A 215 -12.25 6.79 -24.22
C PHE A 215 -11.90 8.20 -24.67
N LYS A 216 -10.61 8.49 -24.82
CA LYS A 216 -10.18 9.82 -25.24
C LYS A 216 -10.56 10.15 -26.67
N LEU A 217 -10.99 9.16 -27.47
CA LEU A 217 -11.49 9.47 -28.80
C LEU A 217 -12.85 10.16 -28.77
N LEU A 218 -13.62 10.00 -27.68
CA LEU A 218 -14.93 10.61 -27.55
C LEU A 218 -15.05 11.62 -26.41
N LEU A 219 -14.16 11.60 -25.42
CA LEU A 219 -14.24 12.45 -24.25
C LEU A 219 -12.89 13.09 -23.96
N SER A 220 -12.94 14.29 -23.38
CA SER A 220 -11.71 14.98 -22.98
C SER A 220 -11.09 14.28 -21.77
N GLU A 221 -9.87 14.70 -21.44
CA GLU A 221 -9.17 14.10 -20.31
C GLU A 221 -9.87 14.39 -19.00
N GLU A 222 -10.32 15.64 -18.80
CA GLU A 222 -10.98 16.01 -17.56
C GLU A 222 -12.30 15.26 -17.39
N LEU A 223 -13.07 15.12 -18.47
CA LEU A 223 -14.31 14.37 -18.39
C LEU A 223 -14.06 12.88 -18.21
N THR A 224 -13.03 12.36 -18.88
CA THR A 224 -12.69 10.95 -18.72
C THR A 224 -12.24 10.65 -17.30
N SER A 225 -11.60 11.61 -16.64
CA SER A 225 -11.13 11.42 -15.28
C SER A 225 -12.24 11.43 -14.24
N LEU A 226 -13.46 11.82 -14.62
CA LEU A 226 -14.57 11.92 -13.68
C LEU A 226 -15.68 10.94 -14.00
N LEU A 227 -16.15 10.91 -15.25
CA LEU A 227 -17.28 10.04 -15.57
C LEU A 227 -16.88 8.57 -15.53
N VAL A 228 -15.68 8.25 -16.00
CA VAL A 228 -15.25 6.87 -16.14
C VAL A 228 -14.58 6.40 -14.84
N VAL A 229 -13.56 7.14 -14.40
CA VAL A 229 -12.72 6.65 -13.32
C VAL A 229 -13.46 6.64 -11.99
N HIS A 230 -14.16 7.74 -11.66
CA HIS A 230 -14.72 7.88 -10.33
C HIS A 230 -16.17 7.40 -10.25
N TRP A 231 -17.06 8.02 -11.03
CA TRP A 231 -18.46 7.62 -11.00
C TRP A 231 -18.61 6.21 -11.55
N GLY A 232 -17.84 5.86 -12.58
CA GLY A 232 -17.86 4.51 -13.09
C GLY A 232 -17.44 3.50 -12.05
N GLY A 233 -16.39 3.81 -11.29
CA GLY A 233 -15.95 2.90 -10.25
C GLY A 233 -16.99 2.72 -9.15
N LEU A 234 -17.59 3.81 -8.70
CA LEU A 234 -18.61 3.73 -7.65
C LEU A 234 -19.81 2.91 -8.11
N LEU A 235 -20.34 3.25 -9.30
CA LEU A 235 -21.48 2.51 -9.82
C LEU A 235 -21.12 1.05 -10.06
N LEU A 236 -19.91 0.78 -10.52
CA LEU A 236 -19.51 -0.60 -10.73
C LEU A 236 -19.45 -1.36 -9.42
N ASP A 237 -18.97 -0.72 -8.34
CA ASP A 237 -18.93 -1.41 -7.06
C ASP A 237 -20.34 -1.80 -6.61
N LEU A 238 -21.26 -0.84 -6.59
CA LEU A 238 -22.60 -1.15 -6.10
C LEU A 238 -23.33 -2.14 -7.05
N SER A 239 -23.25 -1.89 -8.35
CA SER A 239 -23.95 -2.73 -9.32
C SER A 239 -23.34 -4.12 -9.39
N ALA A 240 -22.01 -4.24 -9.28
CA ALA A 240 -21.40 -5.56 -9.29
C ALA A 240 -21.71 -6.31 -8.00
N GLY A 241 -21.93 -5.59 -6.91
CA GLY A 241 -22.44 -6.25 -5.72
C GLY A 241 -23.79 -6.88 -5.96
N PHE A 242 -24.72 -6.11 -6.55
CA PHE A 242 -26.09 -6.62 -6.65
C PHE A 242 -26.31 -7.56 -7.84
N LEU A 243 -25.73 -7.25 -9.01
CA LEU A 243 -26.11 -7.88 -10.26
C LEU A 243 -25.74 -9.36 -10.30
N LEU A 244 -24.55 -9.72 -9.83
CA LEU A 244 -24.06 -11.08 -9.99
C LEU A 244 -24.96 -12.10 -9.34
N PHE A 245 -25.63 -11.73 -8.25
CA PHE A 245 -26.49 -12.67 -7.54
C PHE A 245 -27.67 -13.11 -8.40
N PHE A 246 -28.31 -12.17 -9.09
CA PHE A 246 -29.49 -12.49 -9.88
C PHE A 246 -29.13 -13.21 -11.17
N ASP A 247 -30.01 -14.10 -11.60
CA ASP A 247 -29.75 -14.89 -12.80
C ASP A 247 -29.67 -14.03 -14.05
N VAL A 248 -30.55 -13.04 -14.16
CA VAL A 248 -30.69 -12.31 -15.42
C VAL A 248 -29.46 -11.47 -15.69
N SER A 249 -28.86 -10.90 -14.63
CA SER A 249 -27.79 -9.93 -14.77
C SER A 249 -26.40 -10.54 -14.72
N ARG A 250 -26.27 -11.86 -14.68
CA ARG A 250 -24.98 -12.47 -14.37
C ARG A 250 -23.98 -12.25 -15.50
N SER A 251 -24.43 -12.28 -16.76
CA SER A 251 -23.49 -12.18 -17.87
C SER A 251 -22.88 -10.78 -17.95
N ILE A 252 -23.72 -9.75 -17.92
CA ILE A 252 -23.22 -8.38 -17.99
C ILE A 252 -22.37 -8.06 -16.77
N GLY A 253 -22.81 -8.50 -15.59
CA GLY A 253 -22.03 -8.31 -14.39
C GLY A 253 -20.67 -8.96 -14.47
N LEU A 254 -20.62 -10.19 -14.98
CA LEU A 254 -19.34 -10.88 -15.13
C LEU A 254 -18.42 -10.15 -16.09
N PHE A 255 -18.96 -9.67 -17.21
CA PHE A 255 -18.14 -8.95 -18.17
C PHE A 255 -17.56 -7.67 -17.57
N PHE A 256 -18.42 -6.87 -16.93
CA PHE A 256 -17.93 -5.62 -16.34
C PHE A 256 -16.94 -5.89 -15.22
N VAL A 257 -17.20 -6.89 -14.39
CA VAL A 257 -16.31 -7.18 -13.27
C VAL A 257 -14.95 -7.66 -13.79
N SER A 258 -14.95 -8.51 -14.81
CA SER A 258 -13.69 -9.00 -15.36
C SER A 258 -12.89 -7.86 -15.99
N TYR A 259 -13.55 -6.98 -16.73
CA TYR A 259 -12.85 -5.83 -17.30
C TYR A 259 -12.29 -4.94 -16.20
N PHE A 260 -13.09 -4.70 -15.17
CA PHE A 260 -12.68 -3.87 -14.04
C PHE A 260 -11.44 -4.45 -13.36
N HIS A 261 -11.41 -5.78 -13.17
CA HIS A 261 -10.30 -6.38 -12.44
C HIS A 261 -9.05 -6.47 -13.31
N CYS A 262 -9.20 -6.72 -14.62
CA CYS A 262 -8.02 -6.70 -15.49
C CYS A 262 -7.42 -5.30 -15.56
N MET A 263 -8.27 -4.27 -15.65
CA MET A 263 -7.77 -2.91 -15.64
C MET A 263 -7.13 -2.57 -14.30
N ASN A 264 -7.68 -3.06 -13.20
CA ASN A 264 -7.05 -2.83 -11.90
C ASN A 264 -5.69 -3.51 -11.83
N SER A 265 -5.58 -4.72 -12.38
CA SER A 265 -4.31 -5.42 -12.36
C SER A 265 -3.25 -4.68 -13.14
N GLN A 266 -3.61 -4.16 -14.32
CA GLN A 266 -2.62 -3.47 -15.13
C GLN A 266 -2.31 -2.07 -14.61
N LEU A 267 -3.32 -1.34 -14.15
CA LEU A 267 -3.11 0.06 -13.76
C LEU A 267 -2.34 0.17 -12.45
N PHE A 268 -2.70 -0.63 -11.45
CA PHE A 268 -2.10 -0.58 -10.13
C PHE A 268 -1.16 -1.77 -9.94
N SER A 269 -0.44 -1.74 -8.82
CA SER A 269 0.47 -2.80 -8.40
C SER A 269 -0.01 -3.42 -7.10
N ILE A 270 -1.32 -3.66 -7.00
CA ILE A 270 -1.89 -4.21 -5.77
C ILE A 270 -1.39 -5.62 -5.53
N GLY A 271 -1.22 -6.41 -6.60
CA GLY A 271 -0.66 -7.75 -6.51
C GLY A 271 -1.61 -8.83 -6.99
N MET A 272 -1.96 -9.75 -6.09
CA MET A 272 -2.81 -10.89 -6.43
C MET A 272 -4.29 -10.63 -6.11
N PHE A 273 -4.64 -9.41 -5.72
CA PHE A 273 -6.03 -9.11 -5.36
C PHE A 273 -6.95 -9.29 -6.56
N SER A 274 -6.52 -8.80 -7.72
CA SER A 274 -7.37 -8.88 -8.91
C SER A 274 -7.65 -10.32 -9.30
N TYR A 275 -6.63 -11.17 -9.24
CA TYR A 275 -6.82 -12.57 -9.63
C TYR A 275 -7.71 -13.30 -8.62
N VAL A 276 -7.57 -12.99 -7.34
CA VAL A 276 -8.43 -13.60 -6.33
C VAL A 276 -9.88 -13.22 -6.55
N MET A 277 -10.15 -11.93 -6.82
CA MET A 277 -11.52 -11.52 -7.07
C MET A 277 -12.05 -12.13 -8.36
N LEU A 278 -11.20 -12.27 -9.38
CA LEU A 278 -11.62 -12.95 -10.60
C LEU A 278 -12.00 -14.40 -10.33
N ALA A 279 -11.21 -15.09 -9.50
CA ALA A 279 -11.52 -16.47 -9.16
C ALA A 279 -12.81 -16.56 -8.34
N SER A 280 -13.09 -15.54 -7.52
CA SER A 280 -14.31 -15.55 -6.73
C SER A 280 -15.55 -15.20 -7.56
N SER A 281 -15.38 -14.51 -8.69
CA SER A 281 -16.54 -14.13 -9.51
C SER A 281 -17.37 -15.32 -9.96
N PRO A 282 -16.79 -16.43 -10.46
CA PRO A 282 -17.63 -17.59 -10.81
C PRO A 282 -18.40 -18.19 -9.65
N LEU A 283 -18.03 -17.88 -8.41
CA LEU A 283 -18.64 -18.54 -7.26
C LEU A 283 -20.13 -18.23 -7.14
N PHE A 284 -20.57 -17.08 -7.67
CA PHE A 284 -21.98 -16.76 -7.69
C PHE A 284 -22.76 -17.57 -8.73
N CYS A 285 -22.07 -18.26 -9.64
CA CYS A 285 -22.75 -19.07 -10.64
C CYS A 285 -23.33 -20.33 -9.99
N SER A 286 -23.87 -21.20 -10.83
CA SER A 286 -24.50 -22.41 -10.32
C SER A 286 -23.46 -23.27 -9.59
N PRO A 287 -23.84 -23.98 -8.52
CA PRO A 287 -22.82 -24.74 -7.77
C PRO A 287 -22.21 -25.90 -8.53
N GLU A 288 -22.63 -26.19 -9.77
CA GLU A 288 -22.16 -27.37 -10.50
C GLU A 288 -21.66 -27.03 -11.90
N TRP A 289 -21.23 -25.79 -12.14
CA TRP A 289 -20.75 -25.44 -13.47
C TRP A 289 -19.52 -26.23 -13.92
N PRO A 290 -18.50 -26.51 -13.09
CA PRO A 290 -17.36 -27.29 -13.59
C PRO A 290 -17.76 -28.67 -14.06
N ARG A 291 -18.78 -29.27 -13.45
CA ARG A 291 -19.21 -30.60 -13.86
C ARG A 291 -19.74 -30.60 -15.28
N LYS A 292 -20.59 -29.62 -15.62
CA LYS A 292 -21.13 -29.56 -16.97
C LYS A 292 -20.07 -29.11 -17.97
N LEU A 293 -19.11 -28.30 -17.54
CA LEU A 293 -17.97 -28.01 -18.41
C LEU A 293 -17.16 -29.26 -18.70
N VAL A 294 -16.96 -30.11 -17.69
CA VAL A 294 -16.20 -31.35 -17.87
C VAL A 294 -16.95 -32.29 -18.81
N SER A 295 -18.27 -32.37 -18.67
CA SER A 295 -19.05 -33.31 -19.48
C SER A 295 -18.95 -32.99 -20.96
N TYR A 296 -18.91 -31.70 -21.31
CA TYR A 296 -18.88 -31.27 -22.71
C TYR A 296 -17.45 -31.30 -23.26
N CYS A 297 -16.85 -32.48 -23.24
CA CYS A 297 -15.49 -32.68 -23.71
C CYS A 297 -15.37 -34.09 -24.26
N PRO A 298 -14.29 -34.39 -25.01
CA PRO A 298 -14.08 -35.76 -25.47
C PRO A 298 -13.87 -36.72 -24.32
N ARG A 299 -14.22 -37.98 -24.58
CA ARG A 299 -14.15 -39.01 -23.54
C ARG A 299 -12.72 -39.23 -23.06
N ARG A 300 -11.76 -39.18 -23.99
CA ARG A 300 -10.36 -39.41 -23.62
C ARG A 300 -9.89 -38.35 -22.61
N LEU A 301 -10.24 -37.10 -22.84
CA LEU A 301 -9.95 -36.07 -21.84
C LEU A 301 -10.69 -36.33 -20.55
N GLN A 302 -11.94 -36.80 -20.64
CA GLN A 302 -12.73 -37.10 -19.44
C GLN A 302 -12.10 -38.21 -18.62
N GLN A 303 -11.25 -39.05 -19.21
CA GLN A 303 -10.53 -40.05 -18.43
C GLN A 303 -9.53 -39.46 -17.45
N LEU A 304 -9.19 -38.16 -17.57
CA LEU A 304 -8.25 -37.50 -16.68
C LEU A 304 -8.90 -36.47 -15.77
N LEU A 305 -9.97 -35.81 -16.21
CA LEU A 305 -10.65 -34.80 -15.41
C LEU A 305 -11.48 -35.48 -14.33
N PRO A 306 -11.94 -34.72 -13.31
CA PRO A 306 -12.63 -35.37 -12.17
C PRO A 306 -13.92 -36.07 -12.54
N LEU A 307 -14.53 -36.74 -11.56
CA LEU A 307 -15.73 -37.51 -11.79
C LEU A 307 -16.89 -36.59 -12.19
N LYS A 308 -17.81 -37.15 -12.97
CA LYS A 308 -18.96 -36.42 -13.50
C LYS A 308 -20.31 -36.95 -13.02
N ALA A 309 -20.34 -38.08 -12.30
CA ALA A 309 -21.59 -38.64 -11.85
C ALA A 309 -22.16 -37.84 -10.69
N ALA A 310 -23.42 -38.13 -10.35
CA ALA A 310 -24.11 -37.37 -9.32
C ALA A 310 -23.41 -37.59 -7.97
N PRO A 311 -23.29 -36.57 -7.13
CA PRO A 311 -22.60 -36.76 -5.85
C PRO A 311 -23.34 -37.69 -4.91
N GLN A 312 -22.58 -38.38 -4.05
CA GLN A 312 -23.12 -39.27 -3.04
C GLN A 312 -23.50 -38.51 -1.79
N PRO A 313 -24.40 -39.05 -0.95
CA PRO A 313 -24.81 -38.32 0.24
C PRO A 313 -23.66 -38.13 1.23
N SER A 314 -23.72 -37.01 1.93
CA SER A 314 -22.80 -36.69 3.03
C SER A 314 -23.58 -36.56 4.31
N VAL A 315 -22.86 -36.58 5.43
CA VAL A 315 -23.44 -36.43 6.76
C VAL A 315 -23.37 -34.99 7.24
N SER A 316 -22.91 -34.06 6.41
CA SER A 316 -22.90 -32.64 6.71
C SER A 316 -24.11 -31.92 6.11
N CYS A 317 -25.23 -32.64 5.95
CA CYS A 317 -26.44 -32.09 5.36
C CYS A 317 -27.65 -32.71 6.05
N VAL A 318 -28.79 -32.01 5.93
CA VAL A 318 -30.08 -32.49 6.42
C VAL A 318 -30.97 -32.73 5.22
N TYR A 319 -31.51 -33.93 5.11
CA TYR A 319 -32.32 -34.35 3.97
C TYR A 319 -33.78 -34.45 4.38
N LYS A 320 -34.66 -33.98 3.49
CA LYS A 320 -36.11 -34.03 3.71
C LYS A 320 -36.66 -35.28 3.05
N ARG A 321 -37.31 -36.13 3.83
CA ARG A 321 -37.89 -37.37 3.32
C ARG A 321 -39.31 -37.14 2.84
N GLY A 327 -38.17 -37.14 8.83
CA GLY A 327 -37.05 -36.75 7.98
C GLY A 327 -35.72 -36.99 8.67
N GLN A 328 -35.09 -35.89 9.11
CA GLN A 328 -33.83 -35.97 9.85
C GLN A 328 -33.75 -34.74 10.74
N LYS A 329 -33.92 -34.94 12.04
CA LYS A 329 -33.83 -33.82 12.97
C LYS A 329 -32.42 -33.24 12.94
N PRO A 330 -32.24 -31.92 12.94
CA PRO A 330 -30.89 -31.36 12.85
C PRO A 330 -30.03 -31.77 14.05
N GLY A 331 -28.75 -32.01 13.78
CA GLY A 331 -27.82 -32.34 14.82
C GLY A 331 -27.26 -31.10 15.47
N LEU A 332 -25.98 -31.14 15.85
CA LEU A 332 -25.30 -30.01 16.47
C LEU A 332 -24.48 -29.20 15.49
N ARG A 333 -23.76 -29.85 14.57
CA ARG A 333 -22.91 -29.11 13.66
C ARG A 333 -23.73 -28.25 12.71
N HIS A 334 -24.96 -28.66 12.39
CA HIS A 334 -25.81 -27.84 11.54
C HIS A 334 -26.18 -26.54 12.23
N GLN A 335 -26.57 -26.63 13.51
CA GLN A 335 -26.90 -25.42 14.27
C GLN A 335 -25.69 -24.51 14.41
N LEU A 336 -24.52 -25.09 14.67
CA LEU A 336 -23.31 -24.27 14.78
C LEU A 336 -22.99 -23.61 13.44
N GLY A 337 -23.22 -24.31 12.33
CA GLY A 337 -22.98 -23.70 11.04
C GLY A 337 -23.88 -22.51 10.78
N ALA A 338 -25.18 -22.66 11.10
CA ALA A 338 -26.10 -21.55 10.91
C ALA A 338 -25.72 -20.37 11.79
N ALA A 339 -25.40 -20.63 13.06
CA ALA A 339 -25.02 -19.55 13.97
C ALA A 339 -23.75 -18.87 13.51
N PHE A 340 -22.77 -19.65 13.04
CA PHE A 340 -21.53 -19.08 12.52
C PHE A 340 -21.81 -18.17 11.34
N THR A 341 -22.64 -18.62 10.40
CA THR A 341 -22.95 -17.79 9.24
C THR A 341 -23.56 -16.46 9.65
N LEU A 342 -24.61 -16.51 10.48
CA LEU A 342 -25.30 -15.28 10.87
C LEU A 342 -24.39 -14.34 11.63
N LEU A 343 -23.73 -14.85 12.68
CA LEU A 343 -22.90 -14.00 13.51
C LEU A 343 -21.71 -13.44 12.73
N TYR A 344 -21.08 -14.24 11.88
CA TYR A 344 -19.94 -13.76 11.12
C TYR A 344 -20.35 -12.66 10.15
N LEU A 345 -21.47 -12.82 9.46
CA LEU A 345 -21.87 -11.76 8.52
C LEU A 345 -22.29 -10.49 9.25
N LEU A 346 -22.92 -10.63 10.42
CA LEU A 346 -23.24 -9.45 11.21
C LEU A 346 -21.98 -8.73 11.65
N GLU A 347 -20.97 -9.48 12.11
CA GLU A 347 -19.72 -8.86 12.52
C GLU A 347 -19.02 -8.19 11.33
N GLN A 348 -19.11 -8.81 10.15
CA GLN A 348 -18.50 -8.21 8.97
C GLN A 348 -19.18 -6.90 8.61
N LEU A 349 -20.50 -6.84 8.72
CA LEU A 349 -21.18 -5.57 8.48
C LEU A 349 -20.78 -4.53 9.52
N PHE A 350 -20.64 -4.95 10.78
CA PHE A 350 -20.41 -3.97 11.85
C PHE A 350 -18.99 -3.43 11.87
N LEU A 351 -17.99 -4.26 11.56
CA LEU A 351 -16.60 -3.89 11.83
C LEU A 351 -16.13 -2.65 11.06
N PRO A 352 -16.44 -2.47 9.78
CA PRO A 352 -16.00 -1.24 9.10
C PRO A 352 -16.51 0.04 9.73
N TYR A 353 -17.64 -0.01 10.44
CA TYR A 353 -18.23 1.16 11.09
C TYR A 353 -18.09 1.11 12.60
N SER A 354 -17.09 0.39 13.12
CA SER A 354 -16.85 0.28 14.55
C SER A 354 -15.84 1.31 15.06
N HIS A 355 -15.74 2.47 14.40
CA HIS A 355 -14.70 3.43 14.68
C HIS A 355 -15.04 4.38 15.82
N PHE A 356 -16.28 4.38 16.31
CA PHE A 356 -16.66 5.22 17.44
C PHE A 356 -16.37 4.58 18.79
N LEU A 357 -15.97 3.31 18.82
CA LEU A 357 -15.58 2.63 20.04
C LEU A 357 -14.08 2.69 20.29
N THR A 358 -13.28 2.41 19.26
CA THR A 358 -11.83 2.47 19.35
C THR A 358 -11.38 3.83 18.82
N GLN A 359 -11.58 4.86 19.64
CA GLN A 359 -11.34 6.23 19.23
C GLN A 359 -9.88 6.64 19.28
N GLY A 360 -9.02 5.86 19.93
CA GLY A 360 -7.61 6.23 19.99
C GLY A 360 -6.96 6.23 18.62
N TYR A 361 -7.37 5.32 17.75
CA TYR A 361 -6.78 5.19 16.43
C TYR A 361 -7.34 6.19 15.42
N ASN A 362 -8.36 6.97 15.79
CA ASN A 362 -8.90 7.95 14.86
C ASN A 362 -7.90 9.08 14.62
N ASN A 363 -7.98 9.64 13.42
CA ASN A 363 -7.15 10.74 12.96
C ASN A 363 -8.01 11.54 11.98
N TRP A 364 -7.36 12.30 11.10
CA TRP A 364 -8.08 12.90 9.98
C TRP A 364 -8.88 11.84 9.22
N THR A 365 -8.29 10.67 8.99
CA THR A 365 -9.03 9.51 8.50
C THR A 365 -9.65 8.79 9.69
N ASN A 366 -10.35 7.69 9.42
CA ASN A 366 -11.01 6.90 10.44
C ASN A 366 -10.31 5.56 10.59
N GLY A 367 -9.85 5.28 11.81
CA GLY A 367 -9.29 3.98 12.15
C GLY A 367 -8.02 3.62 11.42
N LEU A 368 -7.40 2.52 11.83
CA LEU A 368 -6.24 2.00 11.13
C LEU A 368 -6.63 1.51 9.74
N TYR A 369 -5.70 1.62 8.81
CA TYR A 369 -5.95 1.16 7.46
C TYR A 369 -5.91 -0.36 7.39
N GLY A 370 -6.84 -0.94 6.63
CA GLY A 370 -6.82 -2.35 6.33
C GLY A 370 -8.15 -3.06 6.38
N TYR A 371 -9.08 -2.61 7.22
CA TYR A 371 -10.35 -3.29 7.45
C TYR A 371 -11.54 -2.36 7.26
N SER A 372 -11.41 -1.35 6.40
CA SER A 372 -12.48 -0.41 6.12
C SER A 372 -12.96 -0.42 4.68
N TRP A 373 -12.25 -1.09 3.77
CA TRP A 373 -12.60 -1.17 2.36
C TRP A 373 -12.60 0.19 1.66
N ASP A 374 -11.86 1.17 2.21
CA ASP A 374 -11.75 2.50 1.61
C ASP A 374 -10.49 2.54 0.75
N MET A 375 -10.58 1.89 -0.41
CA MET A 375 -9.43 1.69 -1.27
C MET A 375 -9.27 2.85 -2.24
N MET A 376 -8.07 3.44 -2.25
CA MET A 376 -7.72 4.46 -3.24
C MET A 376 -8.63 5.68 -3.13
N VAL A 377 -8.86 6.15 -1.92
CA VAL A 377 -9.77 7.26 -1.66
C VAL A 377 -9.00 8.46 -1.11
N HIS A 378 -7.90 8.21 -0.41
CA HIS A 378 -7.10 9.26 0.24
C HIS A 378 -5.66 9.16 -0.23
N SER A 379 -5.11 10.30 -0.66
CA SER A 379 -3.71 10.42 -1.05
C SER A 379 -3.08 11.55 -0.28
N ARG A 380 -1.86 11.34 0.20
CA ARG A 380 -1.19 12.27 1.10
C ARG A 380 0.17 12.64 0.55
N SER A 381 0.56 13.90 0.74
CA SER A 381 1.86 14.41 0.31
C SER A 381 2.51 15.12 1.49
N HIS A 382 3.60 14.54 2.00
CA HIS A 382 4.30 15.08 3.15
C HIS A 382 5.38 16.05 2.69
N GLN A 383 5.46 17.20 3.36
CA GLN A 383 6.39 18.26 2.98
C GLN A 383 7.59 18.38 3.91
N HIS A 384 7.42 18.12 5.21
CA HIS A 384 8.50 18.32 6.15
C HIS A 384 8.25 17.49 7.40
N VAL A 385 9.33 16.97 7.98
CA VAL A 385 9.27 16.18 9.21
C VAL A 385 10.51 16.52 10.03
N LYS A 386 10.29 17.09 11.22
CA LYS A 386 11.37 17.48 12.13
C LYS A 386 11.16 16.78 13.47
N ILE A 387 12.22 16.15 13.98
CA ILE A 387 12.21 15.49 15.28
C ILE A 387 13.27 16.16 16.14
N THR A 388 12.83 16.80 17.21
CA THR A 388 13.72 17.53 18.11
C THR A 388 13.76 16.82 19.46
N TYR A 389 14.93 16.85 20.10
CA TYR A 389 15.10 16.25 21.42
C TYR A 389 15.84 17.21 22.33
N ARG A 390 15.40 17.23 23.59
CA ARG A 390 16.07 17.99 24.66
C ARG A 390 16.62 17.01 25.67
N ASP A 391 17.93 17.11 25.94
CA ASP A 391 18.57 16.21 26.87
C ASP A 391 18.08 16.49 28.29
N GLY A 392 17.87 15.43 29.06
CA GLY A 392 17.32 15.53 30.39
C GLY A 392 18.32 15.83 31.49
N ARG A 393 19.59 16.01 31.16
CA ARG A 393 20.63 16.37 32.11
C ARG A 393 21.27 17.72 31.82
N THR A 394 21.62 17.99 30.57
CA THR A 394 22.36 19.18 30.19
C THR A 394 21.48 20.28 29.62
N GLY A 395 20.34 19.93 29.03
CA GLY A 395 19.46 20.91 28.42
C GLY A 395 19.75 21.19 26.97
N GLU A 396 20.75 20.55 26.38
CA GLU A 396 21.06 20.77 24.97
C GLU A 396 19.91 20.31 24.09
N LEU A 397 19.74 20.99 22.97
CA LEU A 397 18.66 20.74 22.02
C LEU A 397 19.26 20.28 20.71
N GLY A 398 18.79 19.14 20.20
CA GLY A 398 19.32 18.57 18.99
C GLY A 398 18.22 18.02 18.10
N TYR A 399 18.61 17.64 16.88
CA TYR A 399 17.68 17.25 15.83
C TYR A 399 18.13 15.93 15.23
N LEU A 400 17.20 14.98 15.14
CA LEU A 400 17.45 13.66 14.58
C LEU A 400 17.01 13.60 13.13
N ASN A 401 17.43 12.54 12.44
CA ASN A 401 16.96 12.31 11.09
C ASN A 401 15.47 11.96 11.13
N PRO A 402 14.70 12.29 10.08
CA PRO A 402 13.25 12.02 10.14
C PRO A 402 12.89 10.56 10.33
N GLY A 403 13.58 9.64 9.65
CA GLY A 403 13.17 8.25 9.60
C GLY A 403 14.18 7.27 10.17
N VAL A 404 14.81 7.62 11.29
CA VAL A 404 15.88 6.80 11.85
C VAL A 404 15.27 5.60 12.59
N PHE A 405 15.95 4.46 12.51
CA PHE A 405 15.53 3.24 13.20
C PHE A 405 14.13 2.81 12.77
N THR A 406 13.84 2.94 11.47
CA THR A 406 12.52 2.62 10.95
C THR A 406 12.66 2.02 9.55
N GLN A 407 11.63 1.28 9.15
CA GLN A 407 11.58 0.63 7.85
C GLN A 407 10.39 1.04 7.00
N SER A 408 9.41 1.74 7.57
CA SER A 408 8.24 2.23 6.84
C SER A 408 8.07 3.72 7.14
N ARG A 409 7.20 4.35 6.34
CA ARG A 409 6.90 5.77 6.46
C ARG A 409 5.43 6.01 6.83
N ARG A 410 4.76 5.03 7.42
CA ARG A 410 3.38 5.18 7.86
C ARG A 410 3.26 5.70 9.29
N TRP A 411 4.37 5.84 10.01
CA TRP A 411 4.31 6.40 11.36
C TRP A 411 4.00 7.89 11.37
N LYS A 412 4.00 8.55 10.22
CA LYS A 412 3.81 10.00 10.16
C LYS A 412 2.36 10.43 10.27
N ASP A 413 1.42 9.49 10.27
CA ASP A 413 -0.01 9.80 10.14
C ASP A 413 -0.89 9.18 11.21
N HIS A 414 -0.33 8.45 12.17
CA HIS A 414 -1.11 7.77 13.19
C HIS A 414 -0.52 8.01 14.57
N ALA A 415 -1.38 8.29 15.54
CA ALA A 415 -0.92 8.66 16.88
C ALA A 415 -0.28 7.49 17.60
N ASP A 416 -0.86 6.29 17.49
CA ASP A 416 -0.33 5.13 18.19
C ASP A 416 1.08 4.78 17.72
N MET A 417 1.29 4.79 16.39
CA MET A 417 2.61 4.50 15.87
C MET A 417 3.62 5.57 16.28
N LEU A 418 3.17 6.82 16.35
CA LEU A 418 4.04 7.90 16.82
C LEU A 418 4.45 7.68 18.27
N LYS A 419 3.51 7.26 19.12
CA LYS A 419 3.83 6.98 20.51
C LYS A 419 4.82 5.83 20.63
N GLN A 420 4.61 4.78 19.85
CA GLN A 420 5.53 3.64 19.88
C GLN A 420 6.92 4.06 19.42
N TYR A 421 6.99 4.87 18.36
CA TYR A 421 8.28 5.34 17.87
C TYR A 421 8.99 6.20 18.91
N ALA A 422 8.23 7.05 19.61
CA ALA A 422 8.83 7.87 20.65
C ALA A 422 9.41 7.01 21.77
N THR A 423 8.67 5.98 22.19
CA THR A 423 9.18 5.10 23.24
C THR A 423 10.41 4.33 22.76
N CYS A 424 10.40 3.88 21.51
CA CYS A 424 11.56 3.18 20.96
C CYS A 424 12.79 4.08 20.96
N LEU A 425 12.63 5.33 20.52
CA LEU A 425 13.74 6.26 20.54
C LEU A 425 14.19 6.52 21.97
N SER A 426 13.26 6.57 22.90
CA SER A 426 13.62 6.78 24.30
C SER A 426 14.51 5.67 24.82
N ARG A 427 14.19 4.42 24.46
CA ARG A 427 15.01 3.31 24.94
C ARG A 427 16.32 3.17 24.17
N LEU A 428 16.39 3.67 22.92
CA LEU A 428 17.59 3.48 22.11
C LEU A 428 18.61 4.59 22.26
N LEU A 429 18.16 5.84 22.39
CA LEU A 429 19.09 6.97 22.38
C LEU A 429 20.15 6.95 23.48
N PRO A 430 19.88 6.46 24.70
CA PRO A 430 20.96 6.41 25.71
C PRO A 430 22.19 5.63 25.28
N LYS A 431 22.10 4.79 24.25
CA LYS A 431 23.28 4.19 23.67
C LYS A 431 24.17 5.21 22.95
N TYR A 432 23.67 6.43 22.70
CA TYR A 432 24.39 7.47 21.98
C TYR A 432 24.67 8.70 22.86
N ASN A 433 24.88 8.49 24.16
CA ASN A 433 25.19 9.57 25.09
C ASN A 433 24.08 10.63 25.14
N VAL A 434 22.84 10.18 25.30
CA VAL A 434 21.68 11.04 25.54
C VAL A 434 20.98 10.56 26.80
N THR A 435 20.76 11.46 27.75
CA THR A 435 20.06 11.10 28.98
C THR A 435 18.57 11.05 28.67
N GLU A 436 17.72 11.00 29.71
CA GLU A 436 16.28 10.84 29.54
C GLU A 436 15.73 11.92 28.62
N PRO A 437 15.37 11.62 27.38
CA PRO A 437 15.07 12.69 26.43
C PRO A 437 13.60 13.07 26.40
N GLN A 438 13.35 14.23 25.82
CA GLN A 438 12.01 14.74 25.54
C GLN A 438 11.91 14.97 24.04
N ILE A 439 11.06 14.21 23.36
CA ILE A 439 11.00 14.20 21.90
C ILE A 439 9.76 14.98 21.47
N TYR A 440 9.95 15.91 20.54
CA TYR A 440 8.88 16.69 19.93
C TYR A 440 8.85 16.40 18.43
N PHE A 441 7.64 16.36 17.86
CA PHE A 441 7.43 16.02 16.46
C PHE A 441 6.72 17.16 15.75
N ASP A 442 7.08 17.37 14.49
CA ASP A 442 6.49 18.41 13.65
C ASP A 442 6.38 17.87 12.23
N ILE A 443 5.15 17.53 11.82
CA ILE A 443 4.90 16.84 10.55
C ILE A 443 3.91 17.65 9.74
N TRP A 444 4.22 17.91 8.48
CA TRP A 444 3.38 18.67 7.56
C TRP A 444 2.88 17.75 6.45
N VAL A 445 1.56 17.65 6.31
CA VAL A 445 0.94 16.72 5.38
C VAL A 445 -0.33 17.34 4.83
N SER A 446 -0.61 17.06 3.56
CA SER A 446 -1.83 17.49 2.90
C SER A 446 -2.50 16.27 2.27
N ILE A 447 -3.82 16.16 2.46
CA ILE A 447 -4.61 15.05 1.97
C ILE A 447 -5.49 15.57 0.84
N ASN A 448 -5.41 14.90 -0.32
CA ASN A 448 -6.22 15.23 -1.49
C ASN A 448 -6.02 16.69 -1.90
N ASP A 449 -4.76 17.12 -1.91
CA ASP A 449 -4.37 18.42 -2.44
C ASP A 449 -5.05 19.56 -1.67
N ARG A 450 -4.81 19.59 -0.37
CA ARG A 450 -5.20 20.68 0.52
C ARG A 450 -3.97 21.47 0.93
N PHE A 451 -4.17 22.47 1.78
CA PHE A 451 -3.05 23.20 2.36
C PHE A 451 -2.23 22.26 3.24
N GLN A 452 -0.92 22.44 3.21
CA GLN A 452 -0.05 21.72 4.13
C GLN A 452 -0.26 22.28 5.54
N GLN A 453 -0.54 21.41 6.50
CA GLN A 453 -0.77 21.81 7.87
C GLN A 453 -0.17 20.79 8.82
N ARG A 454 0.09 21.23 10.05
CA ARG A 454 0.54 20.32 11.08
C ARG A 454 -0.55 19.30 11.40
N ILE A 455 -0.12 18.08 11.74
CA ILE A 455 -1.03 17.01 12.12
C ILE A 455 -0.95 16.79 13.63
N PHE A 456 0.23 16.99 14.21
CA PHE A 456 0.47 16.79 15.63
C PHE A 456 0.95 18.09 16.27
N ASP A 457 0.56 18.29 17.52
CA ASP A 457 0.95 19.48 18.27
C ASP A 457 2.45 19.47 18.48
N PRO A 458 3.20 20.48 18.03
CA PRO A 458 4.66 20.43 18.16
C PRO A 458 5.21 20.87 19.51
N ARG A 459 4.36 21.06 20.52
CA ARG A 459 4.78 21.46 21.86
C ARG A 459 4.58 20.36 22.89
N VAL A 460 4.27 19.15 22.45
CA VAL A 460 3.90 18.05 23.34
C VAL A 460 4.99 17.00 23.28
N ASP A 461 5.54 16.65 24.43
CA ASP A 461 6.51 15.57 24.54
C ASP A 461 5.77 14.24 24.40
N ILE A 462 5.93 13.58 23.25
CA ILE A 462 5.17 12.37 22.99
C ILE A 462 5.62 11.22 23.89
N VAL A 463 6.82 11.29 24.47
CA VAL A 463 7.30 10.22 25.32
C VAL A 463 6.46 10.12 26.60
N GLN A 464 6.05 11.26 27.14
CA GLN A 464 5.25 11.31 28.36
C GLN A 464 3.76 11.57 28.11
N ALA A 465 3.34 11.70 26.85
CA ALA A 465 1.95 12.01 26.57
C ALA A 465 1.07 10.81 26.84
N ALA A 466 -0.25 11.06 26.90
CA ALA A 466 -1.23 10.06 27.27
C ALA A 466 -1.94 9.54 26.03
N TRP A 467 -2.07 8.22 25.92
CA TRP A 467 -2.75 7.57 24.83
C TRP A 467 -3.42 6.31 25.33
N SER A 468 -4.72 6.16 25.08
CA SER A 468 -5.44 4.93 25.32
C SER A 468 -6.30 4.62 24.09
N PRO A 469 -6.52 3.34 23.76
CA PRO A 469 -7.28 3.06 22.52
C PRO A 469 -8.71 3.57 22.54
N PHE A 470 -9.34 3.66 23.71
CA PHE A 470 -10.76 3.95 23.82
C PHE A 470 -11.06 5.38 24.24
N GLN A 471 -10.08 6.27 24.21
CA GLN A 471 -10.27 7.69 24.48
C GLN A 471 -9.53 8.51 23.44
N ARG A 472 -10.11 9.65 23.07
CA ARG A 472 -9.56 10.44 21.98
C ARG A 472 -8.26 11.12 22.40
N THR A 473 -7.30 11.13 21.49
CA THR A 473 -6.03 11.82 21.72
C THR A 473 -6.22 13.32 21.59
N SER A 474 -5.68 14.08 22.53
CA SER A 474 -5.86 15.52 22.58
C SER A 474 -4.79 16.30 21.82
N TRP A 475 -3.78 15.63 21.26
CA TRP A 475 -2.66 16.28 20.58
C TRP A 475 -2.62 15.90 19.11
N VAL A 476 -3.79 15.83 18.48
CA VAL A 476 -3.92 15.66 17.04
C VAL A 476 -4.71 16.85 16.52
N GLN A 477 -4.09 17.64 15.66
CA GLN A 477 -4.72 18.86 15.19
C GLN A 477 -5.94 18.54 14.33
N PRO A 478 -7.03 19.30 14.45
CA PRO A 478 -8.18 19.04 13.57
C PRO A 478 -7.85 19.34 12.12
N LEU A 479 -8.51 18.61 11.22
CA LEU A 479 -8.38 18.89 9.80
C LEU A 479 -9.18 20.15 9.49
N LEU A 480 -8.52 21.18 8.98
CA LEU A 480 -9.19 22.42 8.60
C LEU A 480 -9.91 22.18 7.29
N MET A 481 -11.14 21.68 7.38
CA MET A 481 -11.97 21.47 6.20
C MET A 481 -12.65 22.76 5.73
N ASP A 482 -12.51 23.86 6.47
CA ASP A 482 -13.09 25.12 6.02
C ASP A 482 -12.40 25.64 4.77
N LEU A 483 -11.13 25.30 4.55
CA LEU A 483 -10.37 25.73 3.39
C LEU A 483 -10.52 24.79 2.21
N SER A 484 -11.60 24.00 2.17
CA SER A 484 -11.81 23.08 1.04
C SER A 484 -11.93 23.77 -0.31
N PRO A 485 -12.76 24.81 -0.49
CA PRO A 485 -12.90 25.38 -1.85
C PRO A 485 -11.62 25.98 -2.41
N TRP A 486 -10.67 26.39 -1.56
CA TRP A 486 -9.43 26.99 -2.02
C TRP A 486 -8.68 26.10 -2.99
N ARG A 487 -8.91 24.78 -2.93
CA ARG A 487 -8.25 23.85 -3.84
C ARG A 487 -8.46 24.18 -5.30
N ALA A 488 -9.53 24.89 -5.63
CA ALA A 488 -9.65 25.39 -6.99
C ALA A 488 -8.60 26.47 -7.26
N LYS A 489 -8.65 27.56 -6.49
CA LYS A 489 -7.84 28.73 -6.80
C LYS A 489 -6.35 28.42 -6.76
N LEU A 490 -5.93 27.66 -5.74
CA LEU A 490 -4.52 27.29 -5.63
C LEU A 490 -4.04 26.58 -6.88
N GLN A 491 -4.88 25.70 -7.44
CA GLN A 491 -4.48 24.96 -8.63
C GLN A 491 -4.19 25.91 -9.77
N GLU A 492 -4.97 26.98 -9.89
CA GLU A 492 -4.71 28.00 -10.90
C GLU A 492 -3.30 28.56 -10.74
N ILE A 493 -2.92 28.88 -9.49
CA ILE A 493 -1.58 29.42 -9.25
C ILE A 493 -0.53 28.37 -9.61
N LYS A 494 -0.86 27.09 -9.46
CA LYS A 494 0.07 26.04 -9.84
C LYS A 494 0.33 26.03 -11.34
N SER A 495 -0.62 26.47 -12.15
CA SER A 495 -0.49 26.42 -13.60
C SER A 495 -0.02 27.72 -14.22
N SER A 496 0.29 28.73 -13.42
CA SER A 496 0.74 30.03 -13.91
C SER A 496 2.25 30.19 -13.85
N LEU A 497 2.98 29.11 -13.58
CA LEU A 497 4.41 29.18 -13.31
C LEU A 497 5.22 28.80 -14.54
N ASP A 498 6.51 29.09 -14.47
CA ASP A 498 7.46 28.72 -15.51
C ASP A 498 7.89 27.28 -15.29
N ASN A 499 8.91 26.84 -16.03
CA ASN A 499 9.48 25.52 -15.85
C ASN A 499 10.44 25.44 -14.66
N HIS A 500 10.73 26.56 -14.00
CA HIS A 500 11.66 26.61 -12.87
C HIS A 500 10.97 26.89 -11.54
N THR A 501 10.00 27.81 -11.53
CA THR A 501 9.39 28.23 -10.28
C THR A 501 8.58 27.11 -9.65
N GLU A 502 8.58 27.07 -8.32
CA GLU A 502 7.81 26.10 -7.57
C GLU A 502 7.15 26.79 -6.38
N VAL A 503 6.02 26.22 -5.94
CA VAL A 503 5.14 26.82 -4.95
C VAL A 503 4.81 25.80 -3.88
N VAL A 504 4.76 26.25 -2.63
CA VAL A 504 4.32 25.44 -1.50
C VAL A 504 3.34 26.25 -0.66
N PHE A 505 2.19 25.66 -0.36
CA PHE A 505 1.13 26.33 0.39
C PHE A 505 1.10 25.83 1.83
N ILE A 506 0.83 26.76 2.76
CA ILE A 506 0.86 26.46 4.19
C ILE A 506 -0.34 27.11 4.85
N ALA A 507 -0.93 26.38 5.81
CA ALA A 507 -2.00 26.88 6.67
C ALA A 507 -1.62 26.60 8.11
N ASP A 508 -1.62 27.65 8.93
CA ASP A 508 -1.06 27.57 10.28
C ASP A 508 -2.09 28.05 11.31
N PHE A 509 -1.98 27.48 12.51
CA PHE A 509 -2.95 27.66 13.57
C PHE A 509 -2.66 28.93 14.38
N PRO A 510 -3.62 29.39 15.19
CA PRO A 510 -3.36 30.57 16.03
C PRO A 510 -2.38 30.27 17.16
N GLY A 511 -1.39 31.14 17.30
CA GLY A 511 -0.41 31.03 18.37
C GLY A 511 0.91 30.43 17.92
N LEU A 512 0.84 29.45 17.02
CA LEU A 512 2.01 28.70 16.61
C LEU A 512 2.86 29.51 15.64
N HIS A 513 4.07 29.01 15.38
CA HIS A 513 4.99 29.65 14.45
C HIS A 513 5.82 28.59 13.75
N LEU A 514 6.40 28.96 12.62
CA LEU A 514 7.29 28.09 11.84
C LEU A 514 8.62 28.78 11.61
N GLU A 515 9.70 28.10 11.98
CA GLU A 515 11.07 28.58 11.79
C GLU A 515 11.68 27.80 10.64
N ASN A 516 12.20 28.51 9.63
CA ASN A 516 12.68 27.88 8.41
C ASN A 516 14.02 28.47 7.99
N PHE A 517 14.80 27.67 7.27
CA PHE A 517 16.14 28.03 6.80
C PHE A 517 16.18 27.85 5.30
N VAL A 518 16.37 28.94 4.57
CA VAL A 518 16.44 28.91 3.12
C VAL A 518 17.88 28.59 2.72
N SER A 519 18.05 27.60 1.87
CA SER A 519 19.39 27.20 1.45
C SER A 519 20.02 28.28 0.59
N GLU A 520 21.36 28.22 0.49
CA GLU A 520 22.07 29.22 -0.30
C GLU A 520 21.74 29.10 -1.78
N ASP A 521 21.40 27.90 -2.24
CA ASP A 521 21.05 27.72 -3.64
C ASP A 521 19.76 28.44 -3.99
N LEU A 522 18.76 28.38 -3.10
CA LEU A 522 17.42 28.89 -3.38
C LEU A 522 17.41 30.42 -3.23
N GLY A 523 18.07 31.07 -4.19
CA GLY A 523 17.92 32.50 -4.33
C GLY A 523 16.59 32.85 -4.98
N ASN A 524 16.17 34.09 -4.78
CA ASN A 524 14.90 34.59 -5.32
C ASN A 524 13.72 33.79 -4.78
N THR A 525 13.60 33.78 -3.45
CA THR A 525 12.48 33.18 -2.74
C THR A 525 11.62 34.29 -2.15
N SER A 526 10.29 34.16 -2.29
CA SER A 526 9.34 35.19 -1.87
C SER A 526 8.19 34.55 -1.12
N ILE A 527 7.60 35.33 -0.20
CA ILE A 527 6.48 34.90 0.63
C ILE A 527 5.32 35.87 0.42
N GLN A 528 4.13 35.32 0.16
CA GLN A 528 2.91 36.08 -0.05
C GLN A 528 1.82 35.53 0.86
N LEU A 529 0.97 36.43 1.36
CA LEU A 529 -0.09 36.08 2.30
C LEU A 529 -1.42 36.00 1.56
N LEU A 530 -2.15 34.90 1.78
CA LEU A 530 -3.44 34.66 1.13
C LEU A 530 -4.62 34.96 2.04
N GLN A 531 -4.55 34.58 3.31
CA GLN A 531 -5.64 34.84 4.25
C GLN A 531 -5.07 34.94 5.65
N GLY A 532 -5.65 35.84 6.44
CA GLY A 532 -5.27 35.97 7.83
C GLY A 532 -4.26 37.07 8.07
N GLU A 533 -3.53 36.94 9.17
CA GLU A 533 -2.51 37.90 9.57
C GLU A 533 -1.31 37.16 10.12
N VAL A 534 -0.13 37.45 9.58
CA VAL A 534 1.12 36.85 10.02
C VAL A 534 2.16 37.95 10.18
N THR A 535 3.23 37.62 10.90
CA THR A 535 4.39 38.48 11.05
C THR A 535 5.64 37.67 10.73
N VAL A 536 6.48 38.21 9.85
CA VAL A 536 7.68 37.53 9.38
C VAL A 536 8.87 38.20 10.02
N GLU A 537 9.69 37.40 10.71
CA GLU A 537 10.85 37.87 11.47
C GLU A 537 12.11 37.35 10.81
N LEU A 538 13.03 38.26 10.48
CA LEU A 538 14.40 37.92 10.11
C LEU A 538 15.26 38.06 11.35
N VAL A 539 15.98 36.97 11.68
CA VAL A 539 16.70 36.90 12.95
C VAL A 539 18.13 37.41 12.85
N ALA A 540 18.68 37.56 11.64
CA ALA A 540 20.03 38.08 11.51
C ALA A 540 20.15 39.49 12.07
N GLU A 541 19.14 40.34 11.81
CA GLU A 541 19.11 41.70 12.32
C GLU A 541 17.93 41.95 13.26
N GLN A 542 17.17 40.91 13.63
CA GLN A 542 16.08 41.02 14.59
C GLN A 542 15.05 42.06 14.14
N LYS A 543 14.44 41.80 12.99
CA LYS A 543 13.45 42.71 12.40
C LYS A 543 12.23 41.91 11.97
N ASN A 544 11.06 42.28 12.50
CA ASN A 544 9.81 41.64 12.14
C ASN A 544 8.86 42.63 11.48
N GLN A 545 8.28 42.20 10.37
CA GLN A 545 7.30 42.98 9.60
C GLN A 545 5.97 42.24 9.61
N THR A 546 4.89 42.97 9.87
CA THR A 546 3.56 42.40 9.94
C THR A 546 2.88 42.50 8.58
N LEU A 547 2.59 41.36 7.98
CA LEU A 547 2.05 41.30 6.63
C LEU A 547 0.53 41.26 6.67
N ARG A 548 -0.10 42.08 5.83
CA ARG A 548 -1.55 42.06 5.65
C ARG A 548 -1.89 41.17 4.46
N GLU A 549 -3.18 41.01 4.19
CA GLU A 549 -3.60 40.15 3.09
C GLU A 549 -3.16 40.73 1.75
N GLY A 550 -2.62 39.88 0.90
CA GLY A 550 -2.12 40.31 -0.39
C GLY A 550 -0.90 41.20 -0.34
N GLU A 551 0.08 40.87 0.52
CA GLU A 551 1.36 41.55 0.55
C GLU A 551 2.48 40.53 0.39
N LYS A 552 3.53 40.92 -0.33
CA LYS A 552 4.64 40.05 -0.69
C LYS A 552 5.94 40.58 -0.12
N MET A 553 6.81 39.66 0.31
CA MET A 553 8.13 39.99 0.82
C MET A 553 9.15 39.09 0.16
N GLN A 554 10.37 39.62 -0.01
CA GLN A 554 11.49 38.90 -0.61
C GLN A 554 12.40 38.41 0.51
N LEU A 555 12.35 37.11 0.78
CA LEU A 555 13.08 36.56 1.91
C LEU A 555 14.58 36.46 1.61
N PRO A 556 15.44 36.54 2.63
CA PRO A 556 16.87 36.32 2.39
C PRO A 556 17.17 34.87 2.05
N ALA A 557 18.29 34.66 1.38
CA ALA A 557 18.83 33.34 1.10
C ALA A 557 20.03 33.09 2.00
N GLY A 558 19.98 31.99 2.75
CA GLY A 558 21.06 31.63 3.65
C GLY A 558 20.89 32.03 5.10
N GLU A 559 19.69 32.46 5.50
CA GLU A 559 19.40 32.89 6.86
C GLU A 559 18.19 32.13 7.38
N TYR A 560 17.93 32.28 8.67
CA TYR A 560 16.73 31.75 9.31
C TYR A 560 15.66 32.84 9.31
N HIS A 561 14.41 32.44 9.05
CA HIS A 561 13.29 33.35 9.18
C HIS A 561 12.14 32.61 9.85
N LYS A 562 11.42 33.32 10.71
CA LYS A 562 10.27 32.79 11.43
C LYS A 562 9.01 33.45 10.92
N VAL A 563 7.94 32.68 10.83
CA VAL A 563 6.61 33.19 10.50
C VAL A 563 5.68 32.88 11.67
N TYR A 564 5.12 33.93 12.27
CA TYR A 564 4.21 33.83 13.40
C TYR A 564 2.80 34.15 12.96
N THR A 565 1.83 33.41 13.50
CA THR A 565 0.42 33.67 13.28
C THR A 565 -0.13 34.44 14.47
N THR A 566 -0.77 35.57 14.21
CA THR A 566 -1.27 36.49 15.22
C THR A 566 -2.71 36.87 14.95
N SER A 567 -3.54 35.90 14.55
CA SER A 567 -4.95 36.10 14.32
C SER A 567 -5.72 35.00 15.03
N PRO A 568 -6.98 35.23 15.43
CA PRO A 568 -7.73 34.17 16.13
C PRO A 568 -8.00 32.94 15.29
N SER A 569 -7.93 33.05 13.96
CA SER A 569 -8.28 31.99 13.03
C SER A 569 -7.05 31.58 12.23
N PRO A 570 -7.07 30.41 11.58
CA PRO A 570 -5.88 29.97 10.84
C PRO A 570 -5.52 30.92 9.72
N SER A 571 -4.21 31.03 9.45
CA SER A 571 -3.67 31.90 8.41
C SER A 571 -3.06 31.06 7.30
N CYS A 572 -3.33 31.44 6.06
CA CYS A 572 -2.89 30.72 4.87
C CYS A 572 -1.94 31.59 4.06
N TYR A 573 -0.75 31.06 3.75
CA TYR A 573 0.25 31.77 2.97
C TYR A 573 0.98 30.77 2.05
N MET A 574 1.92 31.28 1.25
CA MET A 574 2.59 30.48 0.24
C MET A 574 4.03 30.93 0.06
N TYR A 575 4.91 29.96 -0.23
CA TYR A 575 6.29 30.20 -0.60
C TYR A 575 6.46 29.94 -2.08
N VAL A 576 7.05 30.88 -2.81
CA VAL A 576 7.37 30.75 -4.23
C VAL A 576 8.87 30.91 -4.38
N TYR A 577 9.53 29.92 -4.99
CA TYR A 577 10.98 29.92 -5.09
C TYR A 577 11.45 29.34 -6.41
N VAL A 578 12.67 29.72 -6.78
CA VAL A 578 13.36 29.20 -7.96
C VAL A 578 14.80 28.89 -7.57
N ASN A 579 15.34 27.81 -8.12
CA ASN A 579 16.69 27.36 -7.80
C ASN A 579 17.68 28.10 -8.71
N THR A 580 18.55 28.91 -8.11
CA THR A 580 19.51 29.68 -8.89
C THR A 580 20.65 28.80 -9.41
N THR A 581 21.15 27.89 -8.58
CA THR A 581 22.28 27.05 -9.00
C THR A 581 21.89 26.14 -10.14
N GLU A 582 20.71 25.54 -10.07
CA GLU A 582 20.25 24.68 -11.16
C GLU A 582 20.10 25.47 -12.45
N LEU A 583 19.54 26.68 -12.37
CA LEU A 583 19.38 27.50 -13.57
C LEU A 583 20.73 27.89 -14.16
N ALA A 584 21.69 28.26 -13.31
CA ALA A 584 23.01 28.63 -13.81
C ALA A 584 23.71 27.44 -14.45
N LEU A 585 23.62 26.28 -13.82
CA LEU A 585 24.22 25.08 -14.41
C LEU A 585 23.57 24.74 -15.74
N GLU A 586 22.24 24.87 -15.81
CA GLU A 586 21.54 24.57 -17.05
C GLU A 586 21.97 25.54 -18.16
N GLN A 587 22.09 26.82 -17.84
CA GLN A 587 22.50 27.80 -18.85
C GLN A 587 23.92 27.55 -19.33
N ASP A 588 24.85 27.28 -18.40
CA ASP A 588 26.22 27.04 -18.81
C ASP A 588 26.33 25.76 -19.64
N LEU A 589 25.61 24.70 -19.24
CA LEU A 589 25.61 23.47 -20.00
C LEU A 589 25.01 23.69 -21.39
N ALA A 590 23.95 24.51 -21.47
CA ALA A 590 23.35 24.78 -22.77
C ALA A 590 24.31 25.54 -23.68
N TYR A 591 25.04 26.50 -23.13
CA TYR A 591 26.06 27.19 -23.92
C TYR A 591 27.13 26.22 -24.41
N LEU A 592 27.57 25.31 -23.52
CA LEU A 592 28.54 24.31 -23.93
C LEU A 592 28.00 23.41 -25.03
N GLN A 593 26.73 23.00 -24.92
CA GLN A 593 26.12 22.15 -25.93
C GLN A 593 26.00 22.88 -27.27
N GLU A 594 25.66 24.17 -27.23
CA GLU A 594 25.59 24.96 -28.45
C GLU A 594 26.96 25.05 -29.11
N LEU A 595 28.01 25.27 -28.31
CA LEU A 595 29.36 25.30 -28.88
C LEU A 595 29.73 23.95 -29.47
N LYS A 596 29.37 22.85 -28.80
CA LYS A 596 29.65 21.53 -29.33
C LYS A 596 28.93 21.31 -30.65
N GLU A 597 27.67 21.69 -30.74
CA GLU A 597 26.92 21.54 -31.99
C GLU A 597 27.54 22.38 -33.09
N LYS A 598 27.96 23.61 -32.76
CA LYS A 598 28.62 24.45 -33.76
C LYS A 598 29.90 23.80 -34.26
N VAL A 599 30.67 23.18 -33.36
CA VAL A 599 31.87 22.46 -33.78
C VAL A 599 31.49 21.28 -34.68
N GLU A 600 30.42 20.57 -34.34
CA GLU A 600 30.05 19.38 -35.09
C GLU A 600 29.64 19.70 -36.52
N ASN A 601 28.83 20.75 -36.71
CA ASN A 601 28.34 21.09 -38.04
C ASN A 601 29.39 21.79 -38.89
N GLY A 602 30.57 22.09 -38.35
CA GLY A 602 31.64 22.73 -39.08
C GLY A 602 31.84 24.20 -38.76
N SER A 603 30.86 24.84 -38.13
CA SER A 603 31.02 26.23 -37.74
C SER A 603 32.05 26.34 -36.62
N GLU A 604 32.34 27.58 -36.23
CA GLU A 604 33.38 27.89 -35.24
C GLU A 604 34.72 27.32 -35.70
N THR A 605 35.20 27.85 -36.83
CA THR A 605 36.44 27.38 -37.44
C THR A 605 37.65 27.57 -36.54
N GLY A 606 37.58 28.48 -35.57
CA GLY A 606 38.68 28.72 -34.66
C GLY A 606 38.97 27.49 -33.81
N PRO A 607 40.18 27.40 -33.25
CA PRO A 607 40.54 26.20 -32.49
C PRO A 607 39.66 26.01 -31.27
N LEU A 608 39.33 24.76 -30.99
CA LEU A 608 38.53 24.45 -29.80
C LEU A 608 39.36 24.70 -28.54
N PRO A 609 38.71 25.08 -27.43
CA PRO A 609 39.45 25.14 -26.17
C PRO A 609 39.94 23.76 -25.78
N PRO A 610 41.05 23.67 -25.03
CA PRO A 610 41.55 22.35 -24.64
C PRO A 610 40.57 21.57 -23.78
N GLU A 611 39.77 22.25 -22.95
CA GLU A 611 38.76 21.56 -22.16
C GLU A 611 37.68 20.95 -23.04
N LEU A 612 37.45 21.51 -24.22
CA LEU A 612 36.46 20.95 -25.14
C LEU A 612 36.97 19.69 -25.83
N GLN A 613 38.29 19.48 -25.89
CA GLN A 613 38.82 18.29 -26.55
C GLN A 613 38.35 17.00 -25.90
N PRO A 614 38.35 16.86 -24.57
CA PRO A 614 37.73 15.66 -23.97
C PRO A 614 36.28 15.47 -24.33
N LEU A 615 35.51 16.55 -24.51
CA LEU A 615 34.11 16.40 -24.87
C LEU A 615 33.94 15.73 -26.22
N LEU A 616 34.69 16.18 -27.22
CA LEU A 616 34.65 15.52 -28.52
C LEU A 616 35.21 14.11 -28.44
N GLU A 617 36.31 13.91 -27.71
CA GLU A 617 36.87 12.58 -27.57
C GLU A 617 35.94 11.66 -26.81
N GLY A 618 35.33 12.17 -25.74
CA GLY A 618 34.40 11.38 -24.94
C GLY A 618 35.03 10.45 -23.93
N GLU A 619 36.36 10.40 -23.85
CA GLU A 619 37.06 9.53 -22.92
C GLU A 619 38.21 10.29 -22.29
N VAL A 620 38.34 10.19 -20.96
CA VAL A 620 39.40 10.88 -20.22
C VAL A 620 40.60 9.94 -20.20
N LYS A 621 41.42 10.03 -21.25
CA LYS A 621 42.63 9.23 -21.36
C LYS A 621 43.77 10.13 -21.83
N GLY A 622 44.90 10.06 -21.13
CA GLY A 622 46.07 10.83 -21.52
C GLY A 622 45.86 12.32 -21.50
N GLY A 623 45.19 12.84 -20.47
CA GLY A 623 44.95 14.26 -20.37
C GLY A 623 44.50 14.68 -18.99
N PRO A 624 44.34 15.99 -18.78
CA PRO A 624 43.91 16.48 -17.47
C PRO A 624 42.50 16.04 -17.14
N GLU A 625 42.22 15.90 -15.85
CA GLU A 625 40.90 15.48 -15.41
C GLU A 625 39.86 16.54 -15.81
N PRO A 626 38.67 16.15 -16.27
CA PRO A 626 37.68 17.15 -16.65
C PRO A 626 37.16 17.92 -15.44
N THR A 627 36.72 19.15 -15.70
CA THR A 627 36.09 19.95 -14.67
C THR A 627 34.75 19.33 -14.28
N PRO A 628 34.21 19.69 -13.10
CA PRO A 628 32.91 19.12 -12.71
C PRO A 628 31.79 19.41 -13.70
N LEU A 629 31.83 20.56 -14.37
CA LEU A 629 30.83 20.85 -15.39
C LEU A 629 30.91 19.86 -16.54
N VAL A 630 32.13 19.55 -16.99
CA VAL A 630 32.30 18.59 -18.08
C VAL A 630 31.82 17.21 -17.65
N GLN A 631 32.12 16.83 -16.40
CA GLN A 631 31.63 15.54 -15.89
C GLN A 631 30.11 15.51 -15.88
N THR A 632 29.48 16.61 -15.46
CA THR A 632 28.02 16.67 -15.46
C THR A 632 27.47 16.55 -16.88
N PHE A 633 28.12 17.20 -17.84
CA PHE A 633 27.66 17.10 -19.22
C PHE A 633 27.76 15.67 -19.74
N LEU A 634 28.88 15.01 -19.47
CA LEU A 634 29.04 13.62 -19.91
C LEU A 634 28.01 12.72 -19.26
N ARG A 635 27.75 12.93 -17.96
CA ARG A 635 26.75 12.13 -17.27
C ARG A 635 25.38 12.35 -17.86
N ARG A 636 25.03 13.60 -18.17
CA ARG A 636 23.73 13.89 -18.76
C ARG A 636 23.60 13.22 -20.13
N GLN A 637 24.66 13.28 -20.94
CA GLN A 637 24.62 12.65 -22.26
C GLN A 637 24.45 11.14 -22.13
N GLN A 638 25.18 10.52 -21.20
CA GLN A 638 25.06 9.07 -21.00
C GLN A 638 23.66 8.71 -20.54
N ARG A 639 23.09 9.47 -19.61
CA ARG A 639 21.75 9.20 -19.12
C ARG A 639 20.72 9.34 -20.23
N LEU A 640 20.86 10.38 -21.07
CA LEU A 640 19.94 10.55 -22.19
C LEU A 640 20.03 9.39 -23.17
N GLN A 641 21.25 8.93 -23.45
CA GLN A 641 21.42 7.78 -24.34
C GLN A 641 20.78 6.53 -23.73
N GLU A 642 20.95 6.34 -22.42
CA GLU A 642 20.36 5.18 -21.76
C GLU A 642 18.83 5.24 -21.83
N ILE A 643 18.24 6.41 -21.61
CA ILE A 643 16.79 6.54 -21.68
C ILE A 643 16.31 6.26 -23.10
N GLU A 644 17.01 6.80 -24.10
CA GLU A 644 16.62 6.56 -25.48
C GLU A 644 16.71 5.08 -25.83
N ARG A 645 17.76 4.41 -25.36
CA ARG A 645 17.88 2.97 -25.58
C ARG A 645 16.74 2.21 -24.91
N ARG A 646 16.37 2.63 -23.70
CA ARG A 646 15.26 1.98 -23.01
C ARG A 646 13.96 2.13 -23.78
N ARG A 647 13.71 3.33 -24.32
CA ARG A 647 12.46 3.57 -25.03
C ARG A 647 12.35 2.69 -26.27
N ASN A 648 13.43 2.57 -27.04
CA ASN A 648 13.45 1.74 -28.24
C ASN A 648 13.88 0.32 -27.88
N THR A 649 13.01 -0.37 -27.13
CA THR A 649 13.28 -1.70 -26.63
C THR A 649 12.10 -2.61 -27.00
N PRO A 650 12.36 -3.83 -27.51
CA PRO A 650 11.22 -4.70 -27.86
C PRO A 650 10.55 -5.29 -26.64
N PHE A 651 9.31 -5.75 -26.85
CA PHE A 651 8.50 -6.29 -25.75
C PHE A 651 9.02 -7.63 -25.27
N HIS A 652 9.47 -8.49 -26.19
CA HIS A 652 9.86 -9.84 -25.81
C HIS A 652 11.05 -9.83 -24.86
N GLU A 653 11.99 -8.90 -25.05
CA GLU A 653 13.10 -8.78 -24.11
C GLU A 653 12.60 -8.43 -22.72
N ARG A 654 11.63 -7.53 -22.62
CA ARG A 654 11.07 -7.16 -21.32
C ARG A 654 10.39 -8.36 -20.68
N PHE A 655 9.65 -9.15 -21.46
CA PHE A 655 8.98 -10.31 -20.90
C PHE A 655 9.99 -11.32 -20.37
N PHE A 656 11.06 -11.56 -21.14
CA PHE A 656 12.09 -12.51 -20.70
C PHE A 656 12.78 -12.01 -19.43
N ARG A 657 13.06 -10.71 -19.36
CA ARG A 657 13.68 -10.15 -18.17
C ARG A 657 12.77 -10.29 -16.96
N PHE A 658 11.47 -10.07 -17.15
CA PHE A 658 10.52 -10.24 -16.05
C PHE A 658 10.53 -11.67 -15.54
N LEU A 659 10.51 -12.64 -16.46
CA LEU A 659 10.54 -14.04 -16.05
C LEU A 659 11.82 -14.36 -15.29
N LEU A 660 12.96 -13.86 -15.78
CA LEU A 660 14.21 -14.13 -15.09
C LEU A 660 14.22 -13.52 -13.68
N ARG A 661 13.68 -12.31 -13.53
CA ARG A 661 13.67 -11.68 -12.23
C ARG A 661 12.80 -12.46 -11.23
N LYS A 662 11.62 -12.91 -11.68
CA LYS A 662 10.79 -13.70 -10.78
C LYS A 662 11.45 -15.03 -10.44
N LEU A 663 12.14 -15.63 -11.41
CA LEU A 663 12.89 -16.85 -11.14
C LEU A 663 13.95 -16.60 -10.06
N TYR A 664 14.62 -15.46 -10.13
CA TYR A 664 15.63 -15.12 -9.13
C TYR A 664 14.99 -14.99 -7.75
N VAL A 665 13.82 -14.36 -7.67
CA VAL A 665 13.15 -14.19 -6.38
C VAL A 665 12.83 -15.55 -5.77
N PHE A 666 12.23 -16.44 -6.56
CA PHE A 666 11.86 -17.75 -6.03
C PHE A 666 13.08 -18.57 -5.64
N ARG A 667 14.14 -18.51 -6.46
CA ARG A 667 15.36 -19.24 -6.14
C ARG A 667 15.97 -18.76 -4.83
N ARG A 668 16.05 -17.44 -4.64
CA ARG A 668 16.62 -16.91 -3.42
C ARG A 668 15.80 -17.34 -2.20
N SER A 669 14.48 -17.27 -2.32
CA SER A 669 13.62 -17.69 -1.21
C SER A 669 13.89 -19.14 -0.83
N PHE A 670 13.89 -20.03 -1.81
CA PHE A 670 14.07 -21.45 -1.53
C PHE A 670 15.43 -21.73 -0.91
N LEU A 671 16.50 -21.17 -1.49
CA LEU A 671 17.84 -21.46 -0.98
C LEU A 671 18.02 -20.92 0.45
N MET A 672 17.55 -19.71 0.72
CA MET A 672 17.71 -19.16 2.06
C MET A 672 16.90 -19.97 3.08
N THR A 673 15.69 -20.41 2.71
CA THR A 673 14.93 -21.25 3.62
C THR A 673 15.66 -22.56 3.91
N CYS A 674 16.30 -23.13 2.88
CA CYS A 674 17.09 -24.34 3.10
C CYS A 674 18.22 -24.09 4.09
N ILE A 675 18.92 -22.97 3.94
CA ILE A 675 20.03 -22.64 4.85
C ILE A 675 19.52 -22.53 6.27
N SER A 676 18.39 -21.84 6.46
CA SER A 676 17.84 -21.66 7.80
C SER A 676 17.45 -22.99 8.43
N LEU A 677 16.77 -23.86 7.66
CA LEU A 677 16.34 -25.14 8.20
C LEU A 677 17.54 -26.02 8.56
N ARG A 678 18.56 -26.01 7.72
CA ARG A 678 19.78 -26.76 8.03
C ARG A 678 20.40 -26.25 9.33
N ASN A 679 20.46 -24.93 9.49
CA ASN A 679 21.02 -24.37 10.72
C ASN A 679 20.21 -24.81 11.93
N LEU A 680 18.88 -24.81 11.80
CA LEU A 680 18.04 -25.21 12.92
C LEU A 680 18.27 -26.67 13.30
N ILE A 681 18.37 -27.55 12.30
CA ILE A 681 18.38 -28.98 12.58
C ILE A 681 19.78 -29.47 12.94
N LEU A 682 20.74 -29.30 12.02
CA LEU A 682 22.06 -29.88 12.15
C LEU A 682 23.10 -28.91 12.70
N GLY A 683 22.71 -27.71 13.11
CA GLY A 683 23.64 -26.75 13.66
C GLY A 683 24.25 -25.86 12.60
N ARG A 684 25.06 -24.90 13.08
CA ARG A 684 25.63 -23.86 12.24
C ARG A 684 27.07 -24.20 11.89
N PRO A 685 27.49 -24.23 10.62
CA PRO A 685 28.90 -24.53 10.32
C PRO A 685 29.79 -23.33 10.63
N SER A 686 31.07 -23.47 10.29
CA SER A 686 31.99 -22.36 10.40
C SER A 686 31.58 -21.21 9.49
N LEU A 687 32.10 -20.03 9.78
CA LEU A 687 31.65 -18.83 9.11
C LEU A 687 31.98 -18.84 7.61
N GLU A 688 33.11 -19.45 7.24
CA GLU A 688 33.53 -19.42 5.85
C GLU A 688 32.52 -20.15 4.95
N GLN A 689 32.05 -21.32 5.39
CA GLN A 689 31.06 -22.05 4.61
C GLN A 689 29.76 -21.27 4.51
N LEU A 690 29.36 -20.61 5.59
CA LEU A 690 28.16 -19.76 5.54
C LEU A 690 28.33 -18.64 4.53
N ALA A 691 29.50 -18.00 4.51
CA ALA A 691 29.74 -16.94 3.55
C ALA A 691 29.68 -17.46 2.12
N GLN A 692 30.27 -18.63 1.88
CA GLN A 692 30.23 -19.23 0.55
C GLN A 692 28.79 -19.52 0.14
N GLU A 693 27.99 -20.06 1.06
CA GLU A 693 26.60 -20.36 0.73
C GLU A 693 25.80 -19.10 0.44
N VAL A 694 26.00 -18.06 1.24
CA VAL A 694 25.25 -16.82 1.03
C VAL A 694 25.65 -16.19 -0.29
N THR A 695 26.92 -16.28 -0.66
CA THR A 695 27.33 -15.82 -1.99
C THR A 695 26.66 -16.65 -3.07
N TYR A 696 26.54 -17.97 -2.87
CA TYR A 696 25.92 -18.83 -3.86
C TYR A 696 24.45 -18.50 -4.06
N ALA A 697 23.72 -18.25 -2.96
CA ALA A 697 22.29 -18.00 -3.05
C ALA A 697 21.99 -16.72 -3.83
N ASN A 698 22.75 -15.65 -3.58
CA ASN A 698 22.49 -14.37 -4.21
C ASN A 698 22.87 -14.33 -5.68
N LEU A 699 23.51 -15.38 -6.21
CA LEU A 699 23.93 -15.37 -7.60
C LEU A 699 22.73 -15.23 -8.53
N ARG A 700 22.86 -14.37 -9.52
CA ARG A 700 21.80 -14.21 -10.51
C ARG A 700 21.66 -15.49 -11.32
N PRO A 701 20.44 -15.89 -11.71
CA PRO A 701 20.33 -17.19 -12.42
C PRO A 701 21.06 -17.24 -13.75
N PHE A 702 20.83 -16.26 -14.62
CA PHE A 702 21.37 -16.28 -15.99
C PHE A 702 20.99 -17.57 -16.72
N LEU B 5 29.34 5.50 11.92
CA LEU B 5 28.00 5.73 11.37
C LEU B 5 27.58 7.19 11.63
N ASP B 6 27.08 7.46 12.84
CA ASP B 6 26.72 8.82 13.26
C ASP B 6 25.66 9.44 12.35
N SER B 7 24.80 8.61 11.77
CA SER B 7 23.68 9.06 10.97
C SER B 7 22.40 9.22 11.79
N VAL B 8 22.46 8.99 13.09
CA VAL B 8 21.27 9.15 13.93
C VAL B 8 20.91 10.62 14.06
N PHE B 9 21.91 11.47 14.27
CA PHE B 9 21.71 12.89 14.50
C PHE B 9 21.84 13.68 13.20
N SER B 10 21.20 14.84 13.18
CA SER B 10 21.31 15.79 12.08
C SER B 10 21.66 17.17 12.61
N SER B 11 21.69 18.18 11.74
CA SER B 11 22.09 19.53 12.08
C SER B 11 20.90 20.47 12.00
N SER B 12 21.03 21.61 12.68
CA SER B 12 19.97 22.61 12.67
C SER B 12 19.77 23.16 11.26
N GLU B 13 20.85 23.32 10.50
CA GLU B 13 20.74 23.87 9.16
C GLU B 13 19.95 22.95 8.23
N ARG B 14 20.19 21.64 8.30
CA ARG B 14 19.53 20.70 7.41
C ARG B 14 18.20 20.19 7.94
N ALA B 15 17.84 20.51 9.19
CA ALA B 15 16.54 20.14 9.73
C ALA B 15 15.46 21.15 9.41
N HIS B 16 15.81 22.44 9.43
CA HIS B 16 14.86 23.52 9.20
C HIS B 16 14.81 23.93 7.72
N GLN B 17 14.59 22.97 6.83
CA GLN B 17 14.50 23.22 5.39
C GLN B 17 13.16 22.70 4.91
N VAL B 18 12.13 23.54 5.00
CA VAL B 18 10.83 23.19 4.46
C VAL B 18 10.90 23.14 2.94
N LEU B 19 11.60 24.10 2.35
CA LEU B 19 11.73 24.22 0.89
C LEU B 19 12.90 23.36 0.44
N ARG B 20 12.62 22.08 0.18
CA ARG B 20 13.57 21.18 -0.45
C ARG B 20 12.84 20.48 -1.59
N ILE B 21 13.36 20.63 -2.81
CA ILE B 21 12.74 20.01 -3.97
C ILE B 21 12.89 18.49 -3.87
N ARG B 22 11.83 17.77 -4.22
CA ARG B 22 11.86 16.32 -4.21
C ARG B 22 10.91 15.79 -5.28
N LYS B 23 10.87 14.47 -5.42
CA LYS B 23 9.93 13.84 -6.34
C LYS B 23 8.56 13.74 -5.68
N ARG B 24 7.60 13.19 -6.41
CA ARG B 24 6.22 13.03 -5.95
C ARG B 24 5.92 11.54 -5.79
N ALA B 25 5.33 11.18 -4.67
CA ALA B 25 4.89 9.82 -4.39
C ALA B 25 3.42 9.88 -3.96
N ASN B 26 2.55 9.23 -4.72
CA ASN B 26 1.13 9.27 -4.42
C ASN B 26 0.84 8.63 -3.06
N SER B 27 1.47 7.49 -2.77
CA SER B 27 1.33 6.80 -1.49
C SER B 27 -0.14 6.45 -1.22
N PHE B 28 -0.70 5.63 -2.10
CA PHE B 28 -2.08 5.18 -1.95
C PHE B 28 -2.28 4.24 -0.77
N LEU B 29 -1.21 3.74 -0.15
CA LEU B 29 -1.28 2.84 0.99
C LEU B 29 -1.95 1.52 0.66
N GLU B 30 -2.01 1.15 -0.62
CA GLU B 30 -2.61 -0.10 -1.05
C GLU B 30 -1.77 -0.83 -2.10
N GLU B 31 -0.63 -0.28 -2.51
CA GLU B 31 0.14 -0.78 -3.64
C GLU B 31 1.37 -1.51 -3.12
N LEU B 32 1.20 -2.82 -2.86
CA LEU B 32 2.30 -3.73 -2.53
C LEU B 32 2.98 -3.21 -1.27
N ARG B 33 4.31 -3.17 -1.19
CA ARG B 33 5.04 -2.58 -0.06
C ARG B 33 5.77 -1.31 -0.45
N HIS B 34 5.28 -0.60 -1.48
CA HIS B 34 5.82 0.70 -1.90
C HIS B 34 7.25 0.51 -2.37
N SER B 35 8.23 1.27 -1.88
CA SER B 35 9.59 1.18 -2.41
C SER B 35 10.25 -0.15 -2.09
N SER B 36 9.73 -0.91 -1.12
CA SER B 36 10.23 -2.24 -0.81
C SER B 36 11.66 -2.20 -0.29
N LEU B 37 12.65 -2.56 -1.12
CA LEU B 37 14.01 -2.71 -0.62
C LEU B 37 14.61 -1.38 -0.18
N GLU B 38 14.23 -0.28 -0.83
CA GLU B 38 14.77 1.03 -0.47
C GLU B 38 14.38 1.40 0.96
N ARG B 39 13.09 1.35 1.27
CA ARG B 39 12.59 1.73 2.59
C ARG B 39 11.12 1.36 2.73
#